data_6J2F
#
_entry.id   6J2F
#
_cell.length_a   100.245
_cell.length_b   102.527
_cell.length_c   176.312
_cell.angle_alpha   90.00
_cell.angle_beta   90.00
_cell.angle_gamma   90.00
#
_symmetry.space_group_name_H-M   'C 2 2 21'
#
loop_
_entity.id
_entity.type
_entity.pdbx_description
1 polymer Ptal-N*01:01
2 polymer 'beta-2 microglobulin'
3 polymer HeV2
4 water water
#
loop_
_entity_poly.entity_id
_entity_poly.type
_entity_poly.pdbx_seq_one_letter_code
_entity_poly.pdbx_strand_id
1 'polypeptide(L)'
;GFHSLRYFYTAWSRPGSGEPRFVAVGYVDDTQFVRFDSDNASPRAEPRAPWMDLVEQQDPQYWDRNTRNARDAAQTYRVG
LDNVRGYYNQSEAGSHTIQRMYGCDVGPHGRLLRGYDQLAYDGADYIALNEDLRSWTAADLAAQNTRRKWEEAGYAERDR
AYLEGECVEWLLKHLENGRETLLRADPPKTHITHHPISDREVTLRCWALGFYPEEITLTWQHDGEDQTQEMELVETRPDG
NGAFQKWAALVVPSGEEQRYTCHVQHEGLPQPLTLRW
;
A,D
2 'polypeptide(L)'
;EPRTPKIQVYSRHPAENGKPNYLNCYVYGFHPPQIEIDLLKNGQKMKTEQSDLSFSKDWSFYLLVHTDFTPSTVDEYSCR
VNHSSLAAPHMVKWDRNN
;
B,E
3 'polypeptide(L)' DYINTNVLP C,F
#
# COMPACT_ATOMS: atom_id res chain seq x y z
N GLY A 1 0.45 -6.32 -26.48
CA GLY A 1 -0.89 -5.81 -26.21
C GLY A 1 -1.04 -4.31 -26.41
N PHE A 2 -2.25 -3.87 -26.77
CA PHE A 2 -2.36 -2.50 -27.24
C PHE A 2 -2.33 -1.48 -26.08
N HIS A 3 -2.05 -0.24 -26.46
CA HIS A 3 -2.21 0.88 -25.57
C HIS A 3 -3.12 1.90 -26.23
N SER A 4 -3.67 2.80 -25.42
N SER A 4 -3.67 2.80 -25.42
CA SER A 4 -4.64 3.76 -25.93
CA SER A 4 -4.63 3.77 -25.94
C SER A 4 -4.37 5.13 -25.29
C SER A 4 -4.38 5.12 -25.29
N LEU A 5 -4.47 6.18 -26.11
CA LEU A 5 -4.56 7.55 -25.64
C LEU A 5 -6.00 7.98 -25.82
N ARG A 6 -6.63 8.47 -24.77
CA ARG A 6 -8.04 8.80 -24.80
C ARG A 6 -8.29 10.13 -24.12
N TYR A 7 -9.13 10.95 -24.71
CA TYR A 7 -9.49 12.25 -24.15
C TYR A 7 -10.99 12.27 -23.94
N PHE A 8 -11.42 12.91 -22.85
CA PHE A 8 -12.81 12.93 -22.42
C PHE A 8 -13.19 14.38 -22.13
N TYR A 9 -14.14 14.92 -22.90
CA TYR A 9 -14.66 16.28 -22.68
C TYR A 9 -16.07 16.23 -22.13
N THR A 10 -16.34 17.01 -21.09
CA THR A 10 -17.72 17.22 -20.64
C THR A 10 -17.98 18.73 -20.57
N ALA A 11 -19.01 19.19 -21.28
CA ALA A 11 -19.52 20.55 -21.15
C ALA A 11 -20.93 20.44 -20.61
N TRP A 12 -21.25 21.20 -19.55
CA TRP A 12 -22.62 21.17 -19.09
C TRP A 12 -23.11 22.50 -18.52
N SER A 13 -24.43 22.68 -18.61
CA SER A 13 -25.12 23.80 -18.00
C SER A 13 -25.65 23.36 -16.64
N ARG A 14 -25.63 24.29 -15.70
CA ARG A 14 -26.00 24.00 -14.31
C ARG A 14 -26.85 25.16 -13.82
N PRO A 15 -28.09 25.26 -14.32
CA PRO A 15 -28.91 26.43 -13.97
C PRO A 15 -29.06 26.53 -12.45
N GLY A 16 -28.76 27.71 -11.92
CA GLY A 16 -28.70 27.92 -10.49
C GLY A 16 -27.30 27.85 -9.88
N SER A 17 -26.34 27.19 -10.54
CA SER A 17 -24.94 27.23 -10.12
C SER A 17 -24.06 28.20 -10.90
N GLY A 18 -24.60 28.95 -11.87
CA GLY A 18 -23.74 29.82 -12.66
C GLY A 18 -23.48 29.31 -14.07
N GLU A 19 -22.47 29.92 -14.71
CA GLU A 19 -22.19 29.73 -16.13
C GLU A 19 -21.86 28.26 -16.45
N PRO A 20 -22.03 27.83 -17.70
CA PRO A 20 -21.73 26.44 -18.04
C PRO A 20 -20.26 26.10 -17.77
N ARG A 21 -20.00 24.83 -17.48
CA ARG A 21 -18.65 24.38 -17.16
C ARG A 21 -18.14 23.39 -18.22
N PHE A 22 -16.82 23.35 -18.37
CA PHE A 22 -16.11 22.46 -19.28
C PHE A 22 -14.95 21.80 -18.53
N VAL A 23 -14.89 20.48 -18.60
CA VAL A 23 -13.79 19.69 -18.03
C VAL A 23 -13.29 18.72 -19.09
N ALA A 24 -11.98 18.73 -19.34
CA ALA A 24 -11.34 17.87 -20.34
C ALA A 24 -10.20 17.12 -19.66
N VAL A 25 -10.23 15.80 -19.72
CA VAL A 25 -9.19 14.98 -19.10
C VAL A 25 -8.64 14.02 -20.14
N GLY A 26 -7.32 13.77 -20.09
CA GLY A 26 -6.73 12.69 -20.82
C GLY A 26 -6.31 11.49 -19.99
N TYR A 27 -6.25 10.33 -20.65
CA TYR A 27 -5.82 9.08 -20.05
C TYR A 27 -4.87 8.39 -21.02
N VAL A 28 -3.86 7.70 -20.50
CA VAL A 28 -3.17 6.67 -21.26
C VAL A 28 -3.56 5.35 -20.61
N ASP A 29 -4.17 4.44 -21.38
CA ASP A 29 -4.76 3.26 -20.75
C ASP A 29 -5.66 3.66 -19.58
N ASP A 30 -5.36 3.15 -18.39
CA ASP A 30 -6.13 3.42 -17.17
C ASP A 30 -5.55 4.53 -16.27
N THR A 31 -4.53 5.25 -16.72
CA THR A 31 -3.88 6.28 -15.91
C THR A 31 -4.19 7.67 -16.49
N GLN A 32 -4.78 8.55 -15.67
CA GLN A 32 -5.06 9.93 -16.09
C GLN A 32 -3.77 10.74 -16.03
N PHE A 33 -3.42 11.42 -17.13
CA PHE A 33 -2.26 12.30 -17.09
C PHE A 33 -2.48 13.82 -17.18
N VAL A 34 -3.68 14.32 -17.48
CA VAL A 34 -3.84 15.76 -17.75
C VAL A 34 -5.28 16.17 -17.47
N ARG A 35 -5.47 17.46 -17.11
CA ARG A 35 -6.80 18.00 -16.90
C ARG A 35 -6.85 19.47 -17.35
N PHE A 36 -8.06 19.90 -17.66
CA PHE A 36 -8.43 21.30 -17.90
C PHE A 36 -9.82 21.53 -17.30
N ASP A 37 -9.97 22.60 -16.52
CA ASP A 37 -11.22 22.86 -15.84
C ASP A 37 -11.55 24.34 -16.03
N SER A 38 -12.67 24.63 -16.72
CA SER A 38 -13.01 26.03 -17.02
C SER A 38 -13.37 26.85 -15.78
N ASP A 39 -13.69 26.19 -14.65
CA ASP A 39 -14.01 26.93 -13.43
C ASP A 39 -12.82 27.70 -12.85
N ASN A 40 -11.60 27.38 -13.26
CA ASN A 40 -10.44 28.13 -12.79
C ASN A 40 -10.40 29.52 -13.42
N ALA A 41 -9.89 30.50 -12.66
CA ALA A 41 -9.53 31.77 -13.28
C ALA A 41 -8.30 31.56 -14.14
N SER A 42 -8.33 32.10 -15.37
CA SER A 42 -7.28 31.84 -16.37
C SER A 42 -6.97 30.33 -16.42
N PRO A 43 -7.91 29.50 -16.85
CA PRO A 43 -7.69 28.05 -16.74
C PRO A 43 -6.56 27.58 -17.63
N ARG A 44 -5.78 26.63 -17.12
CA ARG A 44 -4.68 26.04 -17.85
C ARG A 44 -4.85 24.52 -17.91
N ALA A 45 -4.30 23.94 -18.96
CA ALA A 45 -4.01 22.50 -18.97
C ALA A 45 -2.95 22.19 -17.91
N GLU A 46 -3.17 21.12 -17.14
CA GLU A 46 -2.36 20.83 -15.96
C GLU A 46 -2.01 19.35 -15.87
N PRO A 47 -0.79 19.03 -15.44
CA PRO A 47 -0.38 17.62 -15.33
C PRO A 47 -1.08 16.92 -14.17
N ARG A 48 -1.63 15.74 -14.45
CA ARG A 48 -2.13 14.86 -13.41
C ARG A 48 -1.32 13.58 -13.17
N ALA A 49 -0.18 13.39 -13.84
CA ALA A 49 0.66 12.23 -13.57
C ALA A 49 2.10 12.67 -13.34
N PRO A 50 2.85 11.96 -12.50
CA PRO A 50 4.21 12.42 -12.18
C PRO A 50 5.14 12.47 -13.39
N TRP A 51 5.09 11.46 -14.28
CA TRP A 51 5.93 11.47 -15.47
C TRP A 51 5.67 12.69 -16.36
N MET A 52 4.50 13.34 -16.24
CA MET A 52 4.26 14.55 -17.02
C MET A 52 5.12 15.73 -16.56
N ASP A 53 5.76 15.62 -15.39
CA ASP A 53 6.68 16.68 -14.97
C ASP A 53 7.86 16.83 -15.92
N LEU A 54 8.15 15.82 -16.72
CA LEU A 54 9.28 15.85 -17.65
C LEU A 54 8.97 16.48 -19.00
N VAL A 55 7.70 16.74 -19.34
CA VAL A 55 7.45 17.15 -20.72
C VAL A 55 7.77 18.62 -20.95
N GLU A 56 7.73 19.45 -19.90
CA GLU A 56 8.07 20.85 -20.03
C GLU A 56 9.43 21.04 -20.72
N GLN A 57 10.43 20.24 -20.34
CA GLN A 57 11.76 20.37 -20.93
C GLN A 57 11.86 19.71 -22.30
N GLN A 58 11.09 18.66 -22.57
CA GLN A 58 11.15 18.08 -23.91
C GLN A 58 10.33 18.89 -24.91
N ASP A 59 9.25 19.53 -24.45
CA ASP A 59 8.33 20.27 -25.31
C ASP A 59 7.95 21.56 -24.58
N PRO A 60 8.80 22.59 -24.67
CA PRO A 60 8.55 23.79 -23.85
C PRO A 60 7.26 24.48 -24.19
N GLN A 61 6.68 24.19 -25.35
CA GLN A 61 5.40 24.77 -25.70
C GLN A 61 4.22 23.87 -25.35
N TYR A 62 4.45 22.70 -24.74
CA TYR A 62 3.36 21.74 -24.54
C TYR A 62 2.22 22.33 -23.74
N TRP A 63 2.53 23.00 -22.62
CA TRP A 63 1.48 23.44 -21.72
C TRP A 63 0.73 24.64 -22.29
N ASP A 64 1.43 25.54 -22.97
CA ASP A 64 0.72 26.67 -23.57
C ASP A 64 -0.14 26.20 -24.73
N ARG A 65 0.39 25.27 -25.53
CA ARG A 65 -0.34 24.77 -26.69
C ARG A 65 -1.57 23.96 -26.25
N ASN A 66 -1.41 23.13 -25.23
CA ASN A 66 -2.57 22.39 -24.73
C ASN A 66 -3.55 23.32 -24.02
N THR A 67 -3.06 24.38 -23.37
CA THR A 67 -3.98 25.35 -22.77
C THR A 67 -4.83 26.03 -23.83
N ARG A 68 -4.21 26.43 -24.95
CA ARG A 68 -4.97 27.05 -26.05
C ARG A 68 -5.99 26.09 -26.64
N ASN A 69 -5.60 24.83 -26.86
CA ASN A 69 -6.53 23.87 -27.44
C ASN A 69 -7.73 23.64 -26.51
N ALA A 70 -7.48 23.47 -25.21
CA ALA A 70 -8.57 23.20 -24.27
C ALA A 70 -9.50 24.40 -24.08
N ARG A 71 -8.92 25.61 -23.99
CA ARG A 71 -9.73 26.85 -24.00
C ARG A 71 -10.61 26.94 -25.24
N ASP A 72 -10.05 26.61 -26.41
CA ASP A 72 -10.86 26.64 -27.62
C ASP A 72 -11.97 25.60 -27.55
N ALA A 73 -11.62 24.37 -27.16
CA ALA A 73 -12.67 23.38 -26.91
C ALA A 73 -13.69 23.86 -25.88
N ALA A 74 -13.25 24.50 -24.79
CA ALA A 74 -14.21 24.92 -23.77
C ALA A 74 -15.23 25.89 -24.37
N GLN A 75 -14.76 26.80 -25.23
CA GLN A 75 -15.67 27.73 -25.91
C GLN A 75 -16.62 27.00 -26.86
N THR A 76 -16.08 26.08 -27.66
CA THR A 76 -16.86 25.37 -28.68
C THR A 76 -18.02 24.60 -28.07
N TYR A 77 -17.74 23.79 -27.04
CA TYR A 77 -18.78 22.89 -26.55
C TYR A 77 -19.78 23.58 -25.64
N ARG A 78 -19.38 24.67 -24.99
CA ARG A 78 -20.34 25.43 -24.20
C ARG A 78 -21.29 26.23 -25.09
N VAL A 79 -20.78 26.79 -26.20
CA VAL A 79 -21.65 27.35 -27.23
C VAL A 79 -22.47 26.23 -27.88
N GLY A 80 -21.83 25.08 -28.11
CA GLY A 80 -22.55 23.93 -28.64
C GLY A 80 -23.80 23.58 -27.85
N LEU A 81 -23.76 23.74 -26.52
CA LEU A 81 -24.93 23.49 -25.69
C LEU A 81 -26.12 24.33 -26.14
N ASP A 82 -25.88 25.61 -26.42
CA ASP A 82 -26.97 26.46 -26.87
C ASP A 82 -27.39 26.11 -28.28
N ASN A 83 -26.43 25.75 -29.15
CA ASN A 83 -26.76 25.30 -30.51
C ASN A 83 -27.69 24.09 -30.49
N VAL A 84 -27.35 23.05 -29.72
CA VAL A 84 -28.13 21.80 -29.75
C VAL A 84 -29.51 21.99 -29.13
N ARG A 85 -29.57 22.73 -28.00
CA ARG A 85 -30.85 23.14 -27.41
C ARG A 85 -31.75 23.80 -28.45
N GLY A 86 -31.18 24.67 -29.28
CA GLY A 86 -31.98 25.27 -30.33
C GLY A 86 -32.49 24.27 -31.34
N TYR A 87 -31.69 23.26 -31.70
CA TYR A 87 -32.20 22.23 -32.62
C TYR A 87 -33.42 21.53 -32.06
N TYR A 88 -33.44 21.31 -30.76
CA TYR A 88 -34.53 20.61 -30.10
C TYR A 88 -35.61 21.55 -29.60
N ASN A 89 -35.35 22.86 -29.67
CA ASN A 89 -36.16 23.91 -29.05
C ASN A 89 -36.39 23.63 -27.55
N GLN A 90 -35.29 23.37 -26.84
CA GLN A 90 -35.34 23.17 -25.40
C GLN A 90 -35.10 24.49 -24.66
N SER A 91 -35.84 24.67 -23.56
CA SER A 91 -35.71 25.87 -22.74
C SER A 91 -34.35 25.92 -22.05
N GLU A 92 -33.88 27.14 -21.77
CA GLU A 92 -32.56 27.32 -21.17
C GLU A 92 -32.56 27.11 -19.66
N ALA A 93 -33.72 26.91 -19.04
CA ALA A 93 -33.73 26.63 -17.60
C ALA A 93 -33.36 25.19 -17.27
N GLY A 94 -33.24 24.31 -18.26
CA GLY A 94 -32.81 22.94 -17.99
C GLY A 94 -31.30 22.73 -18.11
N SER A 95 -30.81 21.75 -17.36
CA SER A 95 -29.40 21.36 -17.45
C SER A 95 -29.22 20.41 -18.62
N HIS A 96 -28.19 20.66 -19.44
CA HIS A 96 -27.94 19.78 -20.57
C HIS A 96 -26.44 19.54 -20.63
N THR A 97 -26.07 18.48 -21.33
CA THR A 97 -24.70 17.98 -21.30
C THR A 97 -24.26 17.57 -22.70
N ILE A 98 -23.05 17.96 -23.07
CA ILE A 98 -22.38 17.45 -24.27
C ILE A 98 -21.11 16.77 -23.81
N GLN A 99 -20.87 15.57 -24.33
CA GLN A 99 -19.64 14.86 -24.04
C GLN A 99 -18.99 14.47 -25.34
N ARG A 100 -17.65 14.49 -25.33
CA ARG A 100 -16.85 14.03 -26.47
C ARG A 100 -15.77 13.08 -25.98
N MET A 101 -15.63 11.95 -26.68
CA MET A 101 -14.55 11.02 -26.41
C MET A 101 -13.88 10.69 -27.73
N TYR A 102 -12.56 10.90 -27.78
CA TYR A 102 -11.78 10.63 -28.98
C TYR A 102 -10.41 10.13 -28.55
N GLY A 103 -9.75 9.42 -29.46
CA GLY A 103 -8.41 8.94 -29.16
C GLY A 103 -8.01 7.84 -30.13
N CYS A 104 -6.96 7.10 -29.74
CA CYS A 104 -6.37 6.13 -30.64
C CYS A 104 -5.91 4.90 -29.88
N ASP A 105 -6.07 3.73 -30.48
CA ASP A 105 -5.51 2.49 -29.97
C ASP A 105 -4.31 2.13 -30.84
N VAL A 106 -3.18 1.77 -30.23
CA VAL A 106 -1.99 1.40 -30.98
C VAL A 106 -1.61 -0.03 -30.61
N GLY A 107 -1.17 -0.82 -31.58
CA GLY A 107 -0.79 -2.19 -31.30
C GLY A 107 0.67 -2.38 -30.95
N PRO A 108 1.09 -3.64 -30.79
CA PRO A 108 2.46 -3.92 -30.33
C PRO A 108 3.54 -3.54 -31.32
N HIS A 109 3.18 -3.34 -32.58
CA HIS A 109 4.11 -2.90 -33.61
C HIS A 109 4.29 -1.38 -33.65
N GLY A 110 3.63 -0.64 -32.74
CA GLY A 110 3.70 0.81 -32.73
C GLY A 110 2.83 1.55 -33.74
N ARG A 111 1.87 0.87 -34.36
CA ARG A 111 1.06 1.43 -35.45
C ARG A 111 -0.40 1.50 -35.02
N LEU A 112 -1.16 2.40 -35.64
CA LEU A 112 -2.55 2.63 -35.22
C LEU A 112 -3.40 1.40 -35.47
N LEU A 113 -4.08 0.91 -34.42
CA LEU A 113 -5.15 -0.08 -34.57
C LEU A 113 -6.49 0.54 -34.94
N ARG A 114 -6.94 1.55 -34.18
CA ARG A 114 -8.13 2.29 -34.58
C ARG A 114 -8.13 3.68 -33.94
N GLY A 115 -8.66 4.68 -34.65
CA GLY A 115 -9.08 5.92 -34.05
C GLY A 115 -10.60 6.05 -33.90
N TYR A 116 -11.03 7.00 -33.06
CA TYR A 116 -12.45 7.20 -32.78
C TYR A 116 -12.67 8.63 -32.32
N ASP A 117 -13.82 9.18 -32.66
CA ASP A 117 -14.35 10.41 -32.09
C ASP A 117 -15.85 10.22 -31.98
N GLN A 118 -16.39 10.32 -30.77
CA GLN A 118 -17.81 10.15 -30.53
C GLN A 118 -18.30 11.29 -29.64
N LEU A 119 -19.54 11.73 -29.89
CA LEU A 119 -20.19 12.73 -29.08
C LEU A 119 -21.54 12.25 -28.57
N ALA A 120 -21.88 12.69 -27.35
CA ALA A 120 -23.14 12.39 -26.70
C ALA A 120 -23.82 13.69 -26.30
N TYR A 121 -25.15 13.67 -26.35
CA TYR A 121 -25.97 14.76 -25.85
C TYR A 121 -26.92 14.21 -24.81
N ASP A 122 -26.92 14.83 -23.63
CA ASP A 122 -27.71 14.37 -22.48
C ASP A 122 -27.56 12.86 -22.27
N GLY A 123 -26.32 12.39 -22.37
CA GLY A 123 -26.00 11.01 -22.05
C GLY A 123 -26.29 10.00 -23.15
N ALA A 124 -26.70 10.43 -24.33
CA ALA A 124 -27.02 9.52 -25.42
C ALA A 124 -26.16 9.82 -26.63
N ASP A 125 -25.86 8.78 -27.41
CA ASP A 125 -25.14 8.96 -28.66
C ASP A 125 -25.81 10.04 -29.48
N TYR A 126 -25.00 10.93 -30.02
CA TYR A 126 -25.49 12.07 -30.80
C TYR A 126 -24.88 12.04 -32.18
N ILE A 127 -23.55 12.16 -32.29
CA ILE A 127 -22.87 12.01 -33.57
C ILE A 127 -21.54 11.32 -33.32
N ALA A 128 -21.12 10.48 -34.27
CA ALA A 128 -19.87 9.77 -34.14
C ALA A 128 -19.16 9.71 -35.48
N LEU A 129 -17.84 9.78 -35.44
CA LEU A 129 -17.03 9.54 -36.63
C LEU A 129 -17.05 8.05 -36.98
N ASN A 130 -17.34 7.74 -38.24
CA ASN A 130 -17.39 6.35 -38.68
C ASN A 130 -15.98 5.75 -38.71
N GLU A 131 -15.93 4.40 -38.72
CA GLU A 131 -14.64 3.72 -38.64
C GLU A 131 -13.70 4.06 -39.80
N ASP A 132 -14.26 4.49 -40.94
CA ASP A 132 -13.44 4.93 -42.07
C ASP A 132 -12.79 6.29 -41.85
N LEU A 133 -13.22 7.01 -40.82
CA LEU A 133 -12.71 8.35 -40.44
C LEU A 133 -12.86 9.37 -41.56
N ARG A 134 -13.72 9.16 -42.54
CA ARG A 134 -14.14 10.24 -43.43
C ARG A 134 -15.59 10.68 -43.32
N SER A 135 -16.43 10.02 -42.51
CA SER A 135 -17.87 10.23 -42.55
C SER A 135 -18.44 10.12 -41.13
N TRP A 136 -19.70 10.56 -40.97
CA TRP A 136 -20.34 10.65 -39.66
C TRP A 136 -21.67 9.93 -39.64
N THR A 137 -21.96 9.28 -38.51
CA THR A 137 -23.29 8.76 -38.23
C THR A 137 -23.99 9.71 -37.27
N ALA A 138 -25.17 10.19 -37.67
CA ALA A 138 -25.96 11.13 -36.87
C ALA A 138 -27.17 10.41 -36.27
N ALA A 139 -27.39 10.61 -34.97
CA ALA A 139 -28.35 9.79 -34.23
C ALA A 139 -29.80 10.08 -34.60
N ASP A 140 -30.11 11.32 -35.02
CA ASP A 140 -31.49 11.79 -35.21
C ASP A 140 -31.45 13.03 -36.10
N LEU A 141 -32.63 13.67 -36.26
CA LEU A 141 -32.74 14.85 -37.13
C LEU A 141 -31.89 16.01 -36.64
N ALA A 142 -31.86 16.24 -35.32
CA ALA A 142 -31.03 17.34 -34.80
C ALA A 142 -29.57 17.11 -35.11
N ALA A 143 -29.08 15.90 -34.89
CA ALA A 143 -27.66 15.65 -35.15
C ALA A 143 -27.32 15.74 -36.63
N GLN A 144 -28.31 15.66 -37.52
CA GLN A 144 -28.00 15.81 -38.94
C GLN A 144 -27.63 17.25 -39.28
N ASN A 145 -28.16 18.24 -38.56
CA ASN A 145 -27.68 19.61 -38.64
C ASN A 145 -26.19 19.67 -38.34
N THR A 146 -25.79 19.15 -37.19
CA THR A 146 -24.38 19.02 -36.85
C THR A 146 -23.60 18.32 -37.96
N ARG A 147 -24.12 17.20 -38.46
CA ARG A 147 -23.38 16.46 -39.47
C ARG A 147 -23.13 17.33 -40.70
N ARG A 148 -24.17 17.99 -41.21
CA ARG A 148 -23.98 18.89 -42.36
C ARG A 148 -22.92 19.95 -42.07
N LYS A 149 -22.96 20.59 -40.88
CA LYS A 149 -21.96 21.60 -40.55
C LYS A 149 -20.55 21.04 -40.53
N TRP A 150 -20.37 19.83 -40.01
CA TRP A 150 -19.05 19.23 -39.97
C TRP A 150 -18.58 18.70 -41.32
N GLU A 151 -19.50 18.27 -42.19
CA GLU A 151 -19.10 17.91 -43.55
C GLU A 151 -18.65 19.15 -44.31
N GLU A 152 -19.40 20.25 -44.19
CA GLU A 152 -18.98 21.50 -44.83
C GLU A 152 -17.65 21.99 -44.30
N ALA A 153 -17.43 21.84 -42.98
CA ALA A 153 -16.20 22.26 -42.36
C ALA A 153 -15.01 21.35 -42.69
N GLY A 154 -15.25 20.24 -43.40
CA GLY A 154 -14.23 19.20 -43.54
C GLY A 154 -13.60 18.72 -42.25
N TYR A 155 -14.39 18.60 -41.17
CA TYR A 155 -13.79 18.23 -39.90
C TYR A 155 -13.38 16.76 -39.83
N ALA A 156 -13.98 15.87 -40.59
CA ALA A 156 -13.57 14.46 -40.47
C ALA A 156 -12.11 14.29 -40.86
N GLU A 157 -11.69 14.93 -41.96
CA GLU A 157 -10.30 14.81 -42.37
C GLU A 157 -9.34 15.46 -41.35
N ARG A 158 -9.73 16.56 -40.69
CA ARG A 158 -8.88 17.07 -39.64
C ARG A 158 -8.78 16.07 -38.49
N ASP A 159 -9.91 15.47 -38.14
CA ASP A 159 -9.93 14.38 -37.15
C ASP A 159 -9.01 13.24 -37.56
N ARG A 160 -9.17 12.74 -38.80
CA ARG A 160 -8.37 11.59 -39.24
C ARG A 160 -6.88 11.89 -39.13
N ALA A 161 -6.49 13.11 -39.51
CA ALA A 161 -5.08 13.48 -39.52
C ALA A 161 -4.50 13.55 -38.12
N TYR A 162 -5.29 14.00 -37.15
CA TYR A 162 -4.86 13.92 -35.76
C TYR A 162 -4.83 12.45 -35.27
N LEU A 163 -5.93 11.72 -35.43
CA LEU A 163 -6.03 10.41 -34.81
C LEU A 163 -4.97 9.47 -35.37
N GLU A 164 -4.71 9.57 -36.67
CA GLU A 164 -3.72 8.69 -37.29
C GLU A 164 -2.29 9.22 -37.10
N GLY A 165 -2.06 10.53 -37.25
CA GLY A 165 -0.74 11.05 -36.89
C GLY A 165 -0.33 11.44 -35.47
N GLU A 166 -0.97 12.50 -34.95
CA GLU A 166 -0.44 13.11 -33.74
C GLU A 166 -0.81 12.29 -32.51
N CYS A 167 -2.03 11.75 -32.53
CA CYS A 167 -2.49 10.91 -31.43
C CYS A 167 -1.53 9.73 -31.21
N VAL A 168 -1.15 9.05 -32.29
CA VAL A 168 -0.24 7.92 -32.17
C VAL A 168 1.14 8.36 -31.66
N GLU A 169 1.69 9.43 -32.25
CA GLU A 169 2.99 9.92 -31.82
C GLU A 169 3.01 10.21 -30.34
N TRP A 170 1.97 10.91 -29.86
CA TRP A 170 1.92 11.29 -28.45
C TRP A 170 1.71 10.09 -27.54
N LEU A 171 0.87 9.13 -27.94
CA LEU A 171 0.75 7.92 -27.14
C LEU A 171 2.11 7.24 -26.95
N LEU A 172 2.87 7.12 -28.02
CA LEU A 172 4.20 6.53 -27.95
C LEU A 172 5.10 7.36 -27.03
N LYS A 173 4.99 8.69 -27.12
CA LYS A 173 5.83 9.54 -26.29
C LYS A 173 5.50 9.35 -24.81
N HIS A 174 4.21 9.31 -24.48
CA HIS A 174 3.81 9.11 -23.10
C HIS A 174 4.22 7.75 -22.57
N LEU A 175 4.10 6.69 -23.40
CA LEU A 175 4.48 5.36 -22.94
C LEU A 175 5.96 5.29 -22.59
N GLU A 176 6.77 6.05 -23.33
CA GLU A 176 8.20 6.15 -23.04
C GLU A 176 8.46 6.95 -21.76
N ASN A 177 7.91 8.18 -21.66
CA ASN A 177 8.13 8.99 -20.47
C ASN A 177 7.57 8.30 -19.22
N GLY A 178 6.38 7.73 -19.33
CA GLY A 178 5.68 7.17 -18.19
C GLY A 178 5.86 5.68 -18.05
N ARG A 179 6.96 5.19 -18.63
CA ARG A 179 7.27 3.76 -18.68
C ARG A 179 7.06 3.04 -17.34
N GLU A 180 7.61 3.59 -16.26
CA GLU A 180 7.53 2.89 -14.99
C GLU A 180 6.10 2.77 -14.50
N THR A 181 5.24 3.78 -14.78
CA THR A 181 3.83 3.69 -14.39
C THR A 181 2.98 2.93 -15.39
N LEU A 182 3.14 3.19 -16.69
CA LEU A 182 2.19 2.72 -17.70
C LEU A 182 2.43 1.27 -18.10
N LEU A 183 3.68 0.83 -18.12
CA LEU A 183 4.05 -0.49 -18.59
C LEU A 183 4.15 -1.49 -17.47
N ARG A 184 3.76 -1.10 -16.27
CA ARG A 184 3.62 -2.08 -15.21
C ARG A 184 2.37 -2.92 -15.46
N ALA A 185 2.44 -4.16 -15.04
CA ALA A 185 1.27 -4.91 -14.68
C ALA A 185 1.48 -5.30 -13.23
N ASP A 186 0.79 -4.61 -12.33
CA ASP A 186 0.90 -4.88 -10.91
C ASP A 186 -0.15 -5.92 -10.57
N PRO A 187 0.23 -7.11 -10.10
CA PRO A 187 -0.74 -8.14 -9.79
C PRO A 187 -1.55 -7.77 -8.56
N PRO A 188 -2.75 -8.30 -8.42
CA PRO A 188 -3.51 -8.09 -7.18
C PRO A 188 -2.85 -8.76 -5.98
N LYS A 189 -2.90 -8.09 -4.83
CA LYS A 189 -2.72 -8.76 -3.56
C LYS A 189 -4.06 -9.35 -3.13
N THR A 190 -4.08 -10.64 -2.84
CA THR A 190 -5.32 -11.35 -2.62
C THR A 190 -5.38 -11.98 -1.24
N HIS A 191 -6.59 -12.02 -0.69
CA HIS A 191 -6.84 -12.77 0.54
C HIS A 191 -8.33 -13.00 0.64
N ILE A 192 -8.70 -13.94 1.50
CA ILE A 192 -10.11 -14.21 1.83
C ILE A 192 -10.38 -13.75 3.25
N THR A 193 -11.53 -13.11 3.46
CA THR A 193 -11.98 -12.80 4.81
C THR A 193 -13.29 -13.53 5.07
N HIS A 194 -13.60 -13.66 6.36
CA HIS A 194 -14.61 -14.57 6.89
C HIS A 194 -15.51 -13.79 7.84
N HIS A 195 -16.80 -13.67 7.49
CA HIS A 195 -17.71 -12.78 8.23
C HIS A 195 -18.97 -13.53 8.65
N PRO A 196 -18.97 -14.07 9.85
CA PRO A 196 -20.17 -14.79 10.27
C PRO A 196 -21.33 -13.86 10.35
N ILE A 197 -22.47 -14.32 9.88
CA ILE A 197 -23.64 -13.51 9.99
C ILE A 197 -24.52 -14.05 11.11
N SER A 198 -25.06 -15.23 10.86
CA SER A 198 -25.91 -15.99 11.76
C SER A 198 -25.18 -17.17 12.29
N ASP A 199 -25.91 -18.01 12.96
CA ASP A 199 -25.37 -19.18 13.59
C ASP A 199 -25.02 -20.25 12.66
N ARG A 200 -25.73 -20.28 11.55
CA ARG A 200 -25.55 -21.29 10.53
C ARG A 200 -25.06 -20.78 9.14
N GLU A 201 -24.77 -19.49 9.01
CA GLU A 201 -24.30 -18.90 7.74
C GLU A 201 -23.12 -17.92 7.95
N VAL A 202 -22.25 -17.86 6.95
CA VAL A 202 -21.12 -16.98 7.00
C VAL A 202 -20.84 -16.50 5.61
N THR A 203 -20.24 -15.34 5.52
CA THR A 203 -19.83 -14.74 4.26
C THR A 203 -18.34 -14.90 4.05
N LEU A 204 -17.96 -15.40 2.88
CA LEU A 204 -16.59 -15.44 2.44
C LEU A 204 -16.40 -14.33 1.41
N ARG A 205 -15.42 -13.48 1.61
CA ARG A 205 -15.16 -12.37 0.70
C ARG A 205 -13.76 -12.54 0.14
N CYS A 206 -13.65 -12.58 -1.19
CA CYS A 206 -12.37 -12.72 -1.86
C CYS A 206 -11.95 -11.35 -2.37
N TRP A 207 -10.80 -10.87 -1.90
CA TRP A 207 -10.31 -9.52 -2.15
C TRP A 207 -9.17 -9.50 -3.17
N ALA A 208 -9.17 -8.50 -4.05
CA ALA A 208 -8.05 -8.24 -4.95
C ALA A 208 -7.67 -6.77 -4.80
N LEU A 209 -6.46 -6.50 -4.31
CA LEU A 209 -6.10 -5.11 -3.99
C LEU A 209 -4.81 -4.68 -4.69
N GLY A 210 -4.75 -3.41 -5.02
CA GLY A 210 -3.52 -2.82 -5.54
C GLY A 210 -3.14 -3.20 -6.95
N PHE A 211 -4.07 -3.65 -7.78
CA PHE A 211 -3.71 -4.14 -9.10
C PHE A 211 -3.85 -3.06 -10.18
N TYR A 212 -2.97 -3.16 -11.18
CA TYR A 212 -3.04 -2.38 -12.40
C TYR A 212 -2.57 -3.27 -13.56
N PRO A 213 -3.22 -3.21 -14.72
CA PRO A 213 -4.37 -2.36 -15.07
C PRO A 213 -5.70 -2.81 -14.47
N GLU A 214 -6.80 -2.15 -14.89
CA GLU A 214 -8.09 -2.30 -14.23
C GLU A 214 -8.73 -3.66 -14.50
N GLU A 215 -8.52 -4.22 -15.68
CA GLU A 215 -9.15 -5.47 -16.07
C GLU A 215 -8.77 -6.61 -15.13
N ILE A 216 -9.77 -7.30 -14.58
CA ILE A 216 -9.54 -8.43 -13.69
C ILE A 216 -10.77 -9.34 -13.75
N THR A 217 -10.56 -10.62 -13.43
CA THR A 217 -11.65 -11.59 -13.28
C THR A 217 -11.57 -12.28 -11.94
N LEU A 218 -12.62 -12.15 -11.12
CA LEU A 218 -12.78 -12.85 -9.85
C LEU A 218 -13.96 -13.79 -9.96
N THR A 219 -13.78 -15.04 -9.52
CA THR A 219 -14.82 -16.06 -9.55
C THR A 219 -14.81 -16.83 -8.23
N TRP A 220 -15.97 -17.32 -7.83
CA TRP A 220 -16.06 -18.30 -6.77
C TRP A 220 -16.47 -19.64 -7.37
N GLN A 221 -15.95 -20.70 -6.81
CA GLN A 221 -16.32 -22.05 -7.21
C GLN A 221 -16.73 -22.82 -5.97
N HIS A 222 -17.60 -23.78 -6.19
CA HIS A 222 -17.96 -24.79 -5.21
C HIS A 222 -17.67 -26.13 -5.87
N ASP A 223 -16.74 -26.89 -5.32
CA ASP A 223 -16.37 -28.21 -5.85
C ASP A 223 -16.09 -28.17 -7.35
N GLY A 224 -15.30 -27.18 -7.77
CA GLY A 224 -14.99 -26.99 -9.18
C GLY A 224 -16.10 -26.38 -10.02
N GLU A 225 -17.22 -25.98 -9.40
CA GLU A 225 -18.43 -25.51 -10.08
C GLU A 225 -18.60 -24.00 -9.89
N ASP A 226 -18.89 -23.29 -10.99
CA ASP A 226 -18.87 -21.82 -10.96
C ASP A 226 -20.07 -21.24 -10.22
N GLN A 227 -19.79 -20.32 -9.30
CA GLN A 227 -20.77 -19.68 -8.41
C GLN A 227 -21.24 -18.31 -8.90
N THR A 228 -20.87 -17.89 -10.11
CA THR A 228 -21.06 -16.51 -10.56
C THR A 228 -22.46 -15.97 -10.29
N GLN A 229 -23.49 -16.80 -10.50
CA GLN A 229 -24.86 -16.34 -10.34
C GLN A 229 -25.23 -16.04 -8.89
N GLU A 230 -24.66 -16.77 -7.93
CA GLU A 230 -24.95 -16.57 -6.50
C GLU A 230 -24.04 -15.56 -5.79
N MET A 231 -22.91 -15.16 -6.37
CA MET A 231 -21.99 -14.25 -5.69
C MET A 231 -22.40 -12.78 -5.81
N GLU A 232 -21.93 -11.96 -4.86
CA GLU A 232 -22.00 -10.50 -4.93
C GLU A 232 -20.65 -9.98 -5.39
N LEU A 233 -20.62 -9.42 -6.60
CA LEU A 233 -19.40 -8.90 -7.22
C LEU A 233 -19.50 -7.39 -7.36
N VAL A 234 -18.63 -6.65 -6.65
CA VAL A 234 -18.68 -5.19 -6.74
C VAL A 234 -17.96 -4.73 -8.01
N GLU A 235 -18.34 -3.55 -8.49
CA GLU A 235 -17.61 -2.93 -9.59
C GLU A 235 -16.18 -2.58 -9.17
N THR A 236 -15.24 -2.78 -10.10
CA THR A 236 -13.86 -2.40 -9.84
C THR A 236 -13.75 -0.91 -9.52
N ARG A 237 -12.96 -0.57 -8.52
CA ARG A 237 -12.95 0.77 -7.94
C ARG A 237 -11.52 1.26 -7.81
N PRO A 238 -11.27 2.56 -7.97
CA PRO A 238 -9.89 3.05 -7.82
C PRO A 238 -9.48 3.05 -6.37
N ASP A 239 -8.19 2.83 -6.11
CA ASP A 239 -7.78 2.89 -4.71
C ASP A 239 -7.24 4.27 -4.33
N GLY A 240 -7.24 5.22 -5.26
CA GLY A 240 -6.76 6.58 -5.01
C GLY A 240 -5.27 6.75 -5.14
N ASN A 241 -4.53 5.65 -5.23
CA ASN A 241 -3.09 5.61 -5.43
C ASN A 241 -2.69 5.29 -6.88
N GLY A 242 -3.63 5.22 -7.84
CA GLY A 242 -3.30 4.84 -9.20
C GLY A 242 -3.51 3.37 -9.53
N ALA A 243 -4.09 2.61 -8.62
CA ALA A 243 -4.34 1.19 -8.82
C ALA A 243 -5.80 0.96 -8.53
N PHE A 244 -6.22 -0.31 -8.47
CA PHE A 244 -7.64 -0.66 -8.38
C PHE A 244 -7.84 -1.76 -7.36
N GLN A 245 -9.10 -1.94 -6.95
CA GLN A 245 -9.50 -2.93 -5.97
C GLN A 245 -10.78 -3.58 -6.48
N LYS A 246 -10.99 -4.84 -6.09
CA LYS A 246 -12.25 -5.52 -6.38
C LYS A 246 -12.48 -6.61 -5.33
N TRP A 247 -13.75 -6.96 -5.10
CA TRP A 247 -14.00 -8.16 -4.30
C TRP A 247 -15.26 -8.87 -4.76
N ALA A 248 -15.32 -10.16 -4.41
CA ALA A 248 -16.43 -11.04 -4.69
C ALA A 248 -16.75 -11.79 -3.42
N ALA A 249 -18.04 -11.85 -3.05
CA ALA A 249 -18.41 -12.45 -1.78
C ALA A 249 -19.59 -13.39 -1.96
N LEU A 250 -19.69 -14.35 -1.04
CA LEU A 250 -20.62 -15.47 -1.17
C LEU A 250 -21.10 -15.85 0.22
N VAL A 251 -22.38 -16.22 0.33
CA VAL A 251 -22.91 -16.77 1.57
C VAL A 251 -22.81 -18.29 1.47
N VAL A 252 -22.09 -18.88 2.41
CA VAL A 252 -21.94 -20.34 2.47
C VAL A 252 -22.39 -20.81 3.85
N PRO A 253 -22.87 -22.05 3.98
CA PRO A 253 -23.26 -22.54 5.30
C PRO A 253 -22.06 -22.79 6.20
N SER A 254 -22.23 -22.46 7.48
CA SER A 254 -21.16 -22.64 8.44
C SER A 254 -20.72 -24.10 8.46
N GLY A 255 -19.42 -24.33 8.47
CA GLY A 255 -18.84 -25.65 8.44
C GLY A 255 -18.45 -26.13 7.07
N GLU A 256 -19.00 -25.53 6.02
CA GLU A 256 -18.70 -25.92 4.65
C GLU A 256 -17.65 -25.03 3.96
N GLU A 257 -17.03 -24.09 4.68
CA GLU A 257 -16.14 -23.11 4.04
C GLU A 257 -15.06 -23.77 3.19
N GLN A 258 -14.56 -24.94 3.56
CA GLN A 258 -13.41 -25.50 2.86
C GLN A 258 -13.74 -26.01 1.47
N ARG A 259 -15.01 -26.02 1.09
CA ARG A 259 -15.53 -26.52 -0.18
C ARG A 259 -15.47 -25.49 -1.30
N TYR A 260 -15.22 -24.22 -0.98
CA TYR A 260 -15.27 -23.13 -1.93
C TYR A 260 -13.85 -22.62 -2.18
N THR A 261 -13.62 -22.16 -3.41
CA THR A 261 -12.35 -21.58 -3.81
C THR A 261 -12.60 -20.29 -4.57
N CYS A 262 -11.66 -19.35 -4.44
CA CYS A 262 -11.67 -18.10 -5.19
C CYS A 262 -10.62 -18.14 -6.28
N HIS A 263 -10.97 -17.69 -7.48
CA HIS A 263 -10.08 -17.76 -8.63
C HIS A 263 -9.86 -16.35 -9.17
N VAL A 264 -8.60 -15.97 -9.36
CA VAL A 264 -8.25 -14.62 -9.76
C VAL A 264 -7.41 -14.71 -11.01
N GLN A 265 -7.82 -13.99 -12.06
CA GLN A 265 -7.02 -13.83 -13.25
C GLN A 265 -6.73 -12.36 -13.43
N HIS A 266 -5.46 -12.07 -13.64
CA HIS A 266 -5.02 -10.70 -13.89
C HIS A 266 -3.73 -10.84 -14.67
N GLU A 267 -3.48 -9.88 -15.56
CA GLU A 267 -2.35 -10.02 -16.47
C GLU A 267 -1.00 -9.88 -15.76
N GLY A 268 -0.97 -9.35 -14.53
CA GLY A 268 0.28 -9.32 -13.78
C GLY A 268 0.60 -10.58 -13.02
N LEU A 269 -0.30 -11.55 -13.03
CA LEU A 269 -0.07 -12.83 -12.37
C LEU A 269 0.62 -13.81 -13.33
N PRO A 270 1.65 -14.54 -12.87
CA PRO A 270 2.30 -15.51 -13.77
C PRO A 270 1.36 -16.63 -14.19
N GLN A 271 0.45 -17.04 -13.31
CA GLN A 271 -0.64 -17.94 -13.61
C GLN A 271 -1.85 -17.51 -12.79
N PRO A 272 -3.06 -17.93 -13.19
CA PRO A 272 -4.25 -17.61 -12.40
C PRO A 272 -4.15 -18.20 -11.00
N LEU A 273 -4.77 -17.52 -10.04
CA LEU A 273 -4.64 -17.89 -8.64
C LEU A 273 -5.86 -18.65 -8.18
N THR A 274 -5.63 -19.59 -7.27
CA THR A 274 -6.68 -20.26 -6.53
C THR A 274 -6.43 -20.09 -5.03
N LEU A 275 -7.43 -19.58 -4.31
CA LEU A 275 -7.35 -19.32 -2.87
C LEU A 275 -8.46 -20.07 -2.15
N ARG A 276 -8.15 -20.53 -0.95
CA ARG A 276 -9.08 -21.29 -0.12
C ARG A 276 -8.95 -20.81 1.31
N TRP A 277 -10.07 -20.79 2.04
CA TRP A 277 -10.09 -20.40 3.45
C TRP A 277 -9.37 -21.40 4.37
N GLU B 1 -33.31 10.68 -19.75
CA GLU B 1 -33.28 9.71 -18.65
C GLU B 1 -32.09 9.91 -17.67
N PRO B 2 -32.33 10.60 -16.56
CA PRO B 2 -31.32 10.68 -15.48
C PRO B 2 -30.92 9.30 -14.97
N ARG B 3 -29.63 9.18 -14.63
CA ARG B 3 -29.07 7.92 -14.15
C ARG B 3 -28.60 8.10 -12.72
N THR B 4 -29.02 7.16 -11.82
CA THR B 4 -28.76 7.27 -10.39
C THR B 4 -27.35 6.79 -10.06
N PRO B 5 -26.65 7.46 -9.15
CA PRO B 5 -25.29 7.05 -8.83
C PRO B 5 -25.28 5.73 -8.06
N LYS B 6 -24.24 4.94 -8.29
CA LYS B 6 -23.85 3.83 -7.45
C LYS B 6 -22.70 4.30 -6.58
N ILE B 7 -22.63 3.78 -5.37
CA ILE B 7 -21.74 4.32 -4.34
C ILE B 7 -21.04 3.18 -3.63
N GLN B 8 -19.72 3.29 -3.47
CA GLN B 8 -18.98 2.43 -2.56
C GLN B 8 -18.08 3.27 -1.68
N VAL B 9 -17.95 2.85 -0.43
CA VAL B 9 -17.21 3.57 0.59
C VAL B 9 -16.23 2.58 1.18
N TYR B 10 -14.95 2.95 1.24
CA TYR B 10 -13.92 1.93 1.53
C TYR B 10 -12.59 2.63 1.75
N SER B 11 -11.71 1.97 2.53
CA SER B 11 -10.37 2.46 2.75
C SER B 11 -9.40 1.96 1.66
N ARG B 12 -8.31 2.71 1.45
CA ARG B 12 -7.29 2.26 0.50
C ARG B 12 -6.61 0.99 0.98
N HIS B 13 -6.31 0.92 2.27
CA HIS B 13 -5.68 -0.27 2.81
C HIS B 13 -6.59 -0.89 3.87
N PRO B 14 -6.51 -2.19 4.09
CA PRO B 14 -7.43 -2.80 5.05
C PRO B 14 -7.31 -2.12 6.40
N ALA B 15 -8.47 -1.82 6.98
CA ALA B 15 -8.54 -0.91 8.12
C ALA B 15 -7.90 -1.55 9.36
N GLU B 16 -7.11 -0.75 10.09
CA GLU B 16 -6.58 -1.12 11.40
C GLU B 16 -6.61 0.14 12.27
N ASN B 17 -7.21 0.03 13.45
CA ASN B 17 -7.38 1.21 14.29
C ASN B 17 -6.04 1.83 14.68
N GLY B 18 -5.96 3.16 14.64
CA GLY B 18 -4.75 3.87 14.99
C GLY B 18 -3.75 4.04 13.88
N LYS B 19 -3.88 3.30 12.77
CA LYS B 19 -2.90 3.46 11.71
C LYS B 19 -3.45 4.35 10.61
N PRO B 20 -2.70 5.37 10.17
CA PRO B 20 -3.22 6.28 9.14
C PRO B 20 -3.53 5.54 7.85
N ASN B 21 -4.60 5.98 7.19
CA ASN B 21 -5.18 5.27 6.06
C ASN B 21 -5.78 6.32 5.12
N TYR B 22 -6.57 5.86 4.15
CA TYR B 22 -7.19 6.75 3.17
C TYR B 22 -8.63 6.29 2.97
N LEU B 23 -9.57 7.21 3.18
CA LEU B 23 -11.00 6.96 3.05
C LEU B 23 -11.49 7.45 1.69
N ASN B 24 -12.20 6.58 0.98
CA ASN B 24 -12.64 6.78 -0.40
C ASN B 24 -14.15 6.69 -0.47
N CYS B 25 -14.75 7.58 -1.24
CA CYS B 25 -16.13 7.40 -1.68
C CYS B 25 -16.13 7.43 -3.20
N TYR B 26 -16.44 6.30 -3.82
CA TYR B 26 -16.38 6.17 -5.27
C TYR B 26 -17.80 6.20 -5.76
N VAL B 27 -18.16 7.19 -6.57
CA VAL B 27 -19.54 7.25 -7.03
C VAL B 27 -19.55 7.36 -8.55
N TYR B 28 -20.39 6.54 -9.18
CA TYR B 28 -20.22 6.21 -10.58
C TYR B 28 -21.57 5.82 -11.18
N GLY B 29 -21.63 5.78 -12.51
CA GLY B 29 -22.81 5.35 -13.21
C GLY B 29 -23.91 6.39 -13.25
N PHE B 30 -23.58 7.66 -12.99
CA PHE B 30 -24.61 8.69 -12.83
C PHE B 30 -24.60 9.66 -14.02
N HIS B 31 -25.71 10.36 -14.16
CA HIS B 31 -25.88 11.33 -15.26
C HIS B 31 -27.15 12.13 -14.97
N PRO B 32 -27.09 13.47 -15.09
CA PRO B 32 -26.05 14.40 -15.56
C PRO B 32 -24.90 14.71 -14.57
N PRO B 33 -23.91 15.53 -14.95
CA PRO B 33 -22.65 15.58 -14.16
C PRO B 33 -22.77 16.26 -12.81
N GLN B 34 -23.75 17.13 -12.59
CA GLN B 34 -23.75 17.91 -11.36
C GLN B 34 -24.10 17.00 -10.19
N ILE B 35 -23.23 16.94 -9.19
CA ILE B 35 -23.43 16.00 -8.09
C ILE B 35 -22.71 16.56 -6.86
N GLU B 36 -23.23 16.18 -5.71
CA GLU B 36 -22.68 16.56 -4.41
C GLU B 36 -22.28 15.27 -3.70
N ILE B 37 -21.01 15.19 -3.29
CA ILE B 37 -20.46 13.98 -2.67
C ILE B 37 -19.62 14.43 -1.49
N ASP B 38 -19.94 13.93 -0.29
CA ASP B 38 -19.17 14.28 0.91
C ASP B 38 -18.90 13.07 1.76
N LEU B 39 -17.70 13.02 2.35
CA LEU B 39 -17.40 12.07 3.40
C LEU B 39 -17.73 12.73 4.73
N LEU B 40 -18.32 11.95 5.64
CA LEU B 40 -18.75 12.43 6.95
C LEU B 40 -18.10 11.59 8.04
N LYS B 41 -17.63 12.28 9.09
CA LYS B 41 -17.09 11.67 10.29
C LYS B 41 -18.09 11.94 11.41
N ASN B 42 -18.72 10.89 11.93
CA ASN B 42 -19.72 11.03 12.98
C ASN B 42 -20.79 12.03 12.57
N GLY B 43 -21.25 11.93 11.32
CA GLY B 43 -22.32 12.74 10.81
C GLY B 43 -21.96 14.16 10.45
N GLN B 44 -20.70 14.54 10.49
CA GLN B 44 -20.24 15.89 10.16
C GLN B 44 -19.33 15.87 8.92
N LYS B 45 -19.49 16.83 8.02
CA LYS B 45 -18.73 16.79 6.77
C LYS B 45 -17.24 16.96 7.04
N MET B 46 -16.43 16.17 6.34
CA MET B 46 -14.98 16.19 6.37
C MET B 46 -14.45 16.97 5.18
N LYS B 47 -13.28 17.58 5.37
CA LYS B 47 -12.57 18.17 4.24
C LYS B 47 -12.06 17.06 3.34
N THR B 48 -12.44 17.10 2.07
CA THR B 48 -12.04 16.07 1.11
C THR B 48 -11.53 16.72 -0.17
N GLU B 49 -10.86 15.90 -0.98
CA GLU B 49 -10.53 16.22 -2.36
C GLU B 49 -11.38 15.35 -3.28
N GLN B 50 -11.62 15.84 -4.49
CA GLN B 50 -12.41 15.12 -5.49
C GLN B 50 -11.65 15.04 -6.81
N SER B 51 -11.70 13.88 -7.48
CA SER B 51 -10.99 13.63 -8.74
C SER B 51 -11.59 14.47 -9.88
N ASP B 52 -10.87 14.55 -11.00
CA ASP B 52 -11.39 15.23 -12.18
C ASP B 52 -12.51 14.43 -12.84
N LEU B 53 -13.59 15.12 -13.24
CA LEU B 53 -14.74 14.47 -13.88
C LEU B 53 -14.34 13.68 -15.13
N SER B 54 -14.71 12.40 -15.16
CA SER B 54 -14.50 11.56 -16.33
C SER B 54 -15.73 10.68 -16.51
N PHE B 55 -15.71 9.84 -17.55
CA PHE B 55 -16.88 9.02 -17.80
C PHE B 55 -16.48 7.73 -18.52
N SER B 56 -17.41 6.78 -18.50
CA SER B 56 -17.24 5.44 -19.02
C SER B 56 -17.83 5.31 -20.44
N LYS B 57 -17.81 4.08 -21.00
CA LYS B 57 -18.20 3.94 -22.39
C LYS B 57 -19.70 4.20 -22.59
N ASP B 58 -20.50 3.99 -21.55
CA ASP B 58 -21.92 4.28 -21.67
C ASP B 58 -22.25 5.74 -21.40
N TRP B 59 -21.24 6.60 -21.23
CA TRP B 59 -21.35 8.06 -21.06
C TRP B 59 -21.60 8.40 -19.59
N SER B 60 -21.77 7.42 -18.69
CA SER B 60 -22.04 7.77 -17.30
C SER B 60 -20.75 8.20 -16.58
N PHE B 61 -20.90 9.14 -15.66
CA PHE B 61 -19.78 9.77 -14.97
C PHE B 61 -19.31 8.94 -13.78
N TYR B 62 -18.03 9.11 -13.43
CA TYR B 62 -17.51 8.58 -12.17
C TYR B 62 -16.60 9.61 -11.53
N LEU B 63 -16.59 9.57 -10.20
CA LEU B 63 -15.83 10.47 -9.35
C LEU B 63 -15.31 9.70 -8.14
N LEU B 64 -14.14 10.10 -7.65
CA LEU B 64 -13.57 9.61 -6.41
C LEU B 64 -13.43 10.80 -5.48
N VAL B 65 -14.01 10.69 -4.29
CA VAL B 65 -13.82 11.67 -3.22
C VAL B 65 -13.04 10.99 -2.11
N HIS B 66 -12.04 11.68 -1.54
CA HIS B 66 -11.14 11.00 -0.63
C HIS B 66 -10.53 11.97 0.37
N THR B 67 -10.04 11.39 1.46
CA THR B 67 -9.24 12.12 2.43
C THR B 67 -8.45 11.12 3.28
N ASP B 68 -7.35 11.60 3.87
CA ASP B 68 -6.68 10.87 4.94
C ASP B 68 -7.63 10.66 6.11
N PHE B 69 -7.48 9.51 6.79
CA PHE B 69 -8.17 9.30 8.06
C PHE B 69 -7.45 8.21 8.83
N THR B 70 -7.65 8.23 10.14
CA THR B 70 -7.12 7.18 11.00
C THR B 70 -8.31 6.50 11.68
N PRO B 71 -8.63 5.26 11.31
CA PRO B 71 -9.84 4.62 11.84
C PRO B 71 -9.72 4.41 13.34
N SER B 72 -10.89 4.23 13.97
CA SER B 72 -10.98 4.02 15.41
C SER B 72 -12.08 3.00 15.67
N THR B 73 -12.24 2.63 16.95
CA THR B 73 -13.38 1.84 17.36
C THR B 73 -14.60 2.71 17.60
N VAL B 74 -14.40 4.01 17.70
CA VAL B 74 -15.42 4.97 18.11
C VAL B 74 -16.04 5.58 16.86
N ASP B 75 -15.21 6.23 16.08
CA ASP B 75 -15.64 7.03 14.95
C ASP B 75 -16.41 6.24 13.90
N GLU B 76 -17.53 6.79 13.45
CA GLU B 76 -18.28 6.26 12.32
C GLU B 76 -18.07 7.14 11.10
N TYR B 77 -17.90 6.51 9.95
CA TYR B 77 -17.71 7.25 8.71
C TYR B 77 -18.80 6.87 7.72
N SER B 78 -19.16 7.85 6.88
CA SER B 78 -20.24 7.68 5.92
C SER B 78 -19.96 8.54 4.69
N CYS B 79 -20.67 8.25 3.62
CA CYS B 79 -20.61 9.08 2.41
C CYS B 79 -22.02 9.54 2.08
N ARG B 80 -22.16 10.83 1.81
CA ARG B 80 -23.43 11.47 1.51
C ARG B 80 -23.42 11.94 0.06
N VAL B 81 -24.38 11.47 -0.74
CA VAL B 81 -24.47 11.85 -2.15
C VAL B 81 -25.86 12.45 -2.43
N ASN B 82 -25.89 13.59 -3.13
CA ASN B 82 -27.15 14.14 -3.63
C ASN B 82 -26.99 14.43 -5.11
N HIS B 83 -28.04 14.10 -5.86
CA HIS B 83 -27.94 14.15 -7.32
C HIS B 83 -29.33 14.42 -7.89
N SER B 84 -29.36 15.07 -9.05
CA SER B 84 -30.66 15.44 -9.63
C SER B 84 -31.53 14.22 -9.87
N SER B 85 -30.92 13.03 -9.97
CA SER B 85 -31.70 11.81 -10.18
C SER B 85 -32.37 11.33 -8.91
N LEU B 86 -32.00 11.89 -7.76
CA LEU B 86 -32.47 11.41 -6.47
C LEU B 86 -33.50 12.39 -5.92
N ALA B 87 -34.44 11.87 -5.18
CA ALA B 87 -35.36 12.79 -4.51
C ALA B 87 -34.86 13.20 -3.13
N ALA B 88 -33.91 12.46 -2.57
CA ALA B 88 -33.30 12.78 -1.28
C ALA B 88 -31.86 12.27 -1.30
N PRO B 89 -30.98 12.84 -0.48
CA PRO B 89 -29.58 12.38 -0.46
C PRO B 89 -29.43 10.90 -0.12
N HIS B 90 -28.40 10.26 -0.67
CA HIS B 90 -28.12 8.85 -0.44
C HIS B 90 -26.96 8.74 0.55
N MET B 91 -27.25 8.21 1.74
CA MET B 91 -26.26 7.99 2.79
C MET B 91 -25.75 6.55 2.77
N VAL B 92 -24.43 6.37 2.69
CA VAL B 92 -23.85 5.03 2.70
C VAL B 92 -22.79 4.98 3.79
N LYS B 93 -22.97 4.07 4.75
CA LYS B 93 -22.04 3.95 5.86
C LYS B 93 -20.78 3.20 5.42
N TRP B 94 -19.65 3.58 6.00
CA TRP B 94 -18.42 2.83 5.80
C TRP B 94 -18.41 1.58 6.66
N ASP B 95 -18.13 0.45 6.02
CA ASP B 95 -17.96 -0.84 6.69
C ASP B 95 -16.56 -1.31 6.34
N ARG B 96 -15.70 -1.46 7.35
CA ARG B 96 -14.31 -1.80 7.07
C ARG B 96 -14.17 -3.19 6.47
N ASN B 97 -15.23 -3.98 6.47
CA ASN B 97 -15.29 -5.24 5.74
C ASN B 97 -15.94 -5.07 4.37
N ASN B 98 -16.26 -3.83 4.01
CA ASN B 98 -17.07 -3.42 2.85
C ASN B 98 -18.53 -3.90 2.80
N ASP C 1 -1.05 15.87 -27.45
CA ASP C 1 -1.89 17.06 -27.29
C ASP C 1 -3.36 16.77 -27.35
N TYR C 2 -4.16 17.58 -26.63
CA TYR C 2 -5.55 17.79 -27.02
C TYR C 2 -5.59 18.17 -28.50
N ILE C 3 -6.59 17.66 -29.23
CA ILE C 3 -6.69 18.02 -30.65
C ILE C 3 -6.84 19.53 -30.74
N ASN C 4 -6.18 20.14 -31.74
CA ASN C 4 -6.02 21.59 -31.81
C ASN C 4 -7.17 22.28 -32.54
N THR C 5 -8.11 21.52 -33.09
CA THR C 5 -9.23 22.10 -33.82
C THR C 5 -10.51 21.46 -33.35
N ASN C 6 -11.52 22.28 -33.09
CA ASN C 6 -12.83 21.86 -32.61
C ASN C 6 -13.90 22.59 -33.43
N VAL C 7 -15.01 21.92 -33.70
CA VAL C 7 -16.04 22.50 -34.55
C VAL C 7 -17.36 22.51 -33.81
N LEU C 8 -18.06 23.64 -33.90
CA LEU C 8 -19.30 23.84 -33.16
C LEU C 8 -20.35 22.84 -33.62
N PRO C 9 -21.12 22.25 -32.71
CA PRO C 9 -22.21 21.34 -33.11
C PRO C 9 -23.34 22.13 -33.73
N GLY D 1 15.77 7.19 32.38
CA GLY D 1 15.43 6.34 31.25
C GLY D 1 15.09 4.89 31.59
N PHE D 2 14.14 4.32 30.86
CA PHE D 2 13.61 3.01 31.21
C PHE D 2 14.24 1.89 30.36
N HIS D 3 13.92 0.65 30.72
CA HIS D 3 14.42 -0.51 30.01
C HIS D 3 13.31 -1.56 29.96
N SER D 4 13.44 -2.49 29.02
N SER D 4 13.43 -2.47 29.00
CA SER D 4 12.41 -3.47 28.76
CA SER D 4 12.40 -3.47 28.73
C SER D 4 13.04 -4.84 28.53
C SER D 4 13.04 -4.84 28.54
N LEU D 5 12.36 -5.87 29.02
CA LEU D 5 12.68 -7.27 28.72
C LEU D 5 11.49 -7.78 27.93
N ARG D 6 11.73 -8.23 26.71
CA ARG D 6 10.65 -8.62 25.82
C ARG D 6 10.97 -9.94 25.14
N TYR D 7 9.95 -10.78 25.03
CA TYR D 7 10.06 -12.08 24.39
C TYR D 7 9.07 -12.16 23.23
N PHE D 8 9.51 -12.78 22.15
CA PHE D 8 8.78 -12.84 20.89
C PHE D 8 8.71 -14.29 20.47
N TYR D 9 7.50 -14.88 20.46
CA TYR D 9 7.26 -16.25 20.00
C TYR D 9 6.56 -16.23 18.65
N THR D 10 7.05 -17.04 17.70
CA THR D 10 6.32 -17.29 16.45
C THR D 10 6.18 -18.79 16.20
N ALA D 11 4.97 -19.25 16.04
CA ALA D 11 4.69 -20.63 15.67
C ALA D 11 3.95 -20.59 14.35
N TRP D 12 4.39 -21.38 13.38
CA TRP D 12 3.70 -21.35 12.10
C TRP D 12 3.76 -22.70 11.40
N SER D 13 2.70 -22.96 10.63
CA SER D 13 2.61 -24.20 9.86
C SER D 13 3.33 -24.05 8.53
N ARG D 14 3.87 -25.18 8.06
CA ARG D 14 4.54 -25.29 6.78
C ARG D 14 3.88 -26.45 6.05
N PRO D 15 2.67 -26.26 5.54
CA PRO D 15 1.91 -27.39 5.00
C PRO D 15 2.63 -28.03 3.82
N GLY D 16 2.82 -29.34 3.90
CA GLY D 16 3.58 -30.09 2.93
C GLY D 16 5.08 -30.03 3.11
N SER D 17 5.59 -29.04 3.85
CA SER D 17 7.01 -28.87 4.15
C SER D 17 7.42 -29.50 5.47
N GLY D 18 6.53 -30.23 6.11
CA GLY D 18 6.82 -30.83 7.40
C GLY D 18 6.11 -30.09 8.52
N GLU D 19 6.51 -30.42 9.74
CA GLU D 19 5.74 -30.00 10.88
C GLU D 19 5.84 -28.48 11.09
N PRO D 20 4.93 -27.91 11.87
CA PRO D 20 5.06 -26.49 12.23
C PRO D 20 6.37 -26.21 12.94
N ARG D 21 6.83 -24.97 12.81
CA ARG D 21 8.06 -24.49 13.41
C ARG D 21 7.76 -23.45 14.48
N PHE D 22 8.62 -23.38 15.49
CA PHE D 22 8.47 -22.46 16.62
C PHE D 22 9.81 -21.78 16.86
N VAL D 23 9.83 -20.46 16.87
CA VAL D 23 11.03 -19.71 17.20
C VAL D 23 10.69 -18.75 18.33
N ALA D 24 11.53 -18.73 19.37
CA ALA D 24 11.36 -17.88 20.54
C ALA D 24 12.63 -17.08 20.72
N VAL D 25 12.51 -15.75 20.70
CA VAL D 25 13.67 -14.92 20.95
C VAL D 25 13.39 -13.97 22.10
N GLY D 26 14.43 -13.41 22.66
CA GLY D 26 14.25 -12.39 23.67
C GLY D 26 15.28 -11.31 23.51
N TYR D 27 14.89 -10.14 23.98
CA TYR D 27 15.60 -8.89 23.81
C TYR D 27 15.58 -8.15 25.14
N VAL D 28 16.69 -7.52 25.49
CA VAL D 28 16.69 -6.44 26.45
C VAL D 28 16.87 -5.16 25.65
N ASP D 29 15.93 -4.22 25.78
CA ASP D 29 15.91 -3.06 24.90
C ASP D 29 16.02 -3.48 23.44
N ASP D 30 17.04 -2.99 22.73
CA ASP D 30 17.26 -3.29 21.32
C ASP D 30 18.26 -4.42 21.06
N THR D 31 18.71 -5.14 22.08
CA THR D 31 19.73 -6.17 21.93
C THR D 31 19.09 -7.55 22.13
N GLN D 32 19.17 -8.42 21.11
CA GLN D 32 18.72 -9.81 21.26
C GLN D 32 19.71 -10.60 22.12
N PHE D 33 19.23 -11.23 23.19
CA PHE D 33 20.12 -12.07 23.98
C PHE D 33 19.91 -13.60 23.96
N VAL D 34 18.81 -14.13 23.39
CA VAL D 34 18.50 -15.55 23.52
C VAL D 34 17.64 -16.01 22.35
N ARG D 35 17.77 -17.30 22.00
CA ARG D 35 16.92 -17.88 20.98
C ARG D 35 16.65 -19.34 21.31
N PHE D 36 15.55 -19.84 20.75
CA PHE D 36 15.19 -21.25 20.71
C PHE D 36 14.53 -21.52 19.38
N ASP D 37 14.93 -22.58 18.68
CA ASP D 37 14.41 -22.88 17.35
C ASP D 37 14.07 -24.36 17.30
N SER D 38 12.80 -24.66 17.06
CA SER D 38 12.34 -26.04 17.12
C SER D 38 12.85 -26.89 15.95
N ASP D 39 13.49 -26.29 14.94
CA ASP D 39 13.97 -27.13 13.84
C ASP D 39 15.22 -27.92 14.22
N ASN D 40 15.83 -27.61 15.34
CA ASN D 40 16.94 -28.41 15.84
C ASN D 40 16.46 -29.73 16.40
N ALA D 41 17.13 -30.83 16.02
CA ALA D 41 16.96 -32.05 16.80
C ALA D 41 17.45 -31.76 18.22
N SER D 42 16.64 -32.15 19.20
CA SER D 42 16.88 -31.80 20.60
C SER D 42 17.18 -30.31 20.75
N PRO D 43 16.22 -29.45 20.45
CA PRO D 43 16.49 -28.00 20.52
C PRO D 43 16.74 -27.53 21.95
N ARG D 44 17.59 -26.52 22.06
CA ARG D 44 17.96 -25.94 23.34
C ARG D 44 17.81 -24.42 23.23
N ALA D 45 17.64 -23.77 24.37
CA ALA D 45 17.82 -22.32 24.40
C ALA D 45 19.31 -21.99 24.31
N GLU D 46 19.64 -20.96 23.53
CA GLU D 46 21.05 -20.65 23.22
C GLU D 46 21.33 -19.18 23.45
N PRO D 47 22.55 -18.81 23.87
CA PRO D 47 22.92 -17.39 24.02
C PRO D 47 23.10 -16.69 22.67
N ARG D 48 22.51 -15.51 22.54
CA ARG D 48 22.77 -14.62 21.39
C ARG D 48 23.51 -13.31 21.68
N ALA D 49 23.98 -13.05 22.90
CA ALA D 49 24.66 -11.81 23.26
C ALA D 49 25.85 -12.13 24.15
N PRO D 50 26.89 -11.29 24.12
CA PRO D 50 28.16 -11.66 24.78
C PRO D 50 28.03 -11.87 26.29
N TRP D 51 27.26 -11.05 27.01
CA TRP D 51 27.14 -11.28 28.45
C TRP D 51 26.42 -12.59 28.78
N MET D 52 25.71 -13.19 27.82
CA MET D 52 25.02 -14.46 28.06
C MET D 52 25.94 -15.66 27.94
N ASP D 53 27.14 -15.50 27.38
CA ASP D 53 28.12 -16.57 27.48
C ASP D 53 28.52 -16.82 28.92
N LEU D 54 28.33 -15.83 29.80
CA LEU D 54 28.69 -15.91 31.22
C LEU D 54 27.52 -16.26 32.14
N VAL D 55 26.29 -16.40 31.63
CA VAL D 55 25.16 -16.60 32.53
C VAL D 55 25.33 -17.89 33.30
N GLU D 56 25.93 -18.90 32.65
CA GLU D 56 26.20 -20.20 33.27
C GLU D 56 26.92 -20.05 34.61
N GLN D 57 27.80 -19.05 34.73
CA GLN D 57 28.59 -18.89 35.96
C GLN D 57 27.69 -18.50 37.13
N GLN D 58 26.85 -17.48 36.93
CA GLN D 58 26.03 -16.94 38.00
C GLN D 58 24.82 -17.82 38.29
N ASP D 59 24.25 -18.43 37.25
CA ASP D 59 23.03 -19.21 37.35
C ASP D 59 23.26 -20.49 36.55
N PRO D 60 23.90 -21.49 37.16
CA PRO D 60 24.26 -22.71 36.41
C PRO D 60 23.08 -23.50 35.88
N GLN D 61 21.86 -23.22 36.32
CA GLN D 61 20.71 -23.91 35.77
C GLN D 61 19.98 -23.11 34.69
N TYR D 62 20.48 -21.92 34.34
CA TYR D 62 19.71 -21.05 33.44
C TYR D 62 19.34 -21.78 32.15
N TRP D 63 20.30 -22.49 31.54
CA TRP D 63 20.04 -23.06 30.23
C TRP D 63 19.09 -24.24 30.32
N ASP D 64 19.24 -25.10 31.34
CA ASP D 64 18.29 -26.20 31.50
C ASP D 64 16.87 -25.68 31.69
N ARG D 65 16.71 -24.66 32.55
CA ARG D 65 15.39 -24.11 32.86
C ARG D 65 14.77 -23.49 31.61
N ASN D 66 15.57 -22.73 30.86
CA ASN D 66 15.01 -22.04 29.69
C ASN D 66 14.73 -23.02 28.55
N THR D 67 15.55 -24.08 28.41
CA THR D 67 15.21 -25.08 27.40
C THR D 67 13.89 -25.74 27.73
N ARG D 68 13.67 -26.09 29.00
CA ARG D 68 12.40 -26.72 29.36
C ARG D 68 11.21 -25.78 29.13
N ASN D 69 11.34 -24.51 29.55
CA ASN D 69 10.27 -23.55 29.31
C ASN D 69 9.97 -23.40 27.81
N ALA D 70 11.01 -23.26 26.97
CA ALA D 70 10.78 -23.04 25.55
C ALA D 70 10.28 -24.31 24.86
N ARG D 71 10.78 -25.49 25.23
CA ARG D 71 10.22 -26.70 24.65
C ARG D 71 8.72 -26.81 24.96
N ASP D 72 8.32 -26.46 26.19
CA ASP D 72 6.90 -26.44 26.53
C ASP D 72 6.11 -25.46 25.66
N ALA D 73 6.65 -24.25 25.49
CA ALA D 73 6.03 -23.27 24.61
C ALA D 73 5.86 -23.82 23.20
N ALA D 74 6.89 -24.49 22.68
CA ALA D 74 6.84 -24.99 21.32
C ALA D 74 5.72 -26.00 21.12
N GLN D 75 5.55 -26.91 22.07
CA GLN D 75 4.41 -27.83 22.01
C GLN D 75 3.09 -27.09 22.13
N THR D 76 2.97 -26.19 23.11
CA THR D 76 1.73 -25.45 23.34
C THR D 76 1.26 -24.69 22.09
N TYR D 77 2.15 -23.88 21.48
CA TYR D 77 1.66 -23.06 20.38
C TYR D 77 1.59 -23.79 19.05
N ARG D 78 2.34 -24.89 18.88
CA ARG D 78 2.15 -25.66 17.65
C ARG D 78 0.83 -26.44 17.68
N VAL D 79 0.46 -27.00 18.84
CA VAL D 79 -0.90 -27.54 19.00
C VAL D 79 -1.93 -26.41 18.91
N GLY D 80 -1.66 -25.28 19.57
CA GLY D 80 -2.54 -24.12 19.49
C GLY D 80 -2.90 -23.70 18.08
N LEU D 81 -1.95 -23.84 17.13
CA LEU D 81 -2.27 -23.55 15.72
C LEU D 81 -3.48 -24.35 15.23
N ASP D 82 -3.55 -25.63 15.58
CA ASP D 82 -4.67 -26.44 15.13
C ASP D 82 -5.96 -26.08 15.85
N ASN D 83 -5.89 -25.80 17.15
CA ASN D 83 -7.07 -25.32 17.87
C ASN D 83 -7.65 -24.10 17.17
N VAL D 84 -6.77 -23.14 16.83
CA VAL D 84 -7.27 -21.89 16.29
C VAL D 84 -7.76 -22.06 14.86
N ARG D 85 -7.01 -22.81 14.03
CA ARG D 85 -7.52 -23.11 12.69
C ARG D 85 -8.89 -23.77 12.78
N GLY D 86 -9.14 -24.56 13.82
CA GLY D 86 -10.44 -25.20 13.96
C GLY D 86 -11.55 -24.25 14.36
N TYR D 87 -11.25 -23.29 15.26
CA TYR D 87 -12.25 -22.27 15.57
C TYR D 87 -12.73 -21.58 14.30
N TYR D 88 -11.81 -21.28 13.38
CA TYR D 88 -12.16 -20.62 12.11
C TYR D 88 -12.58 -21.57 11.02
N ASN D 89 -12.34 -22.88 11.17
CA ASN D 89 -12.63 -23.89 10.14
C ASN D 89 -11.85 -23.62 8.86
N GLN D 90 -10.61 -23.17 9.02
CA GLN D 90 -9.73 -23.01 7.87
C GLN D 90 -9.15 -24.36 7.47
N SER D 91 -8.82 -24.47 6.18
CA SER D 91 -8.29 -25.70 5.63
C SER D 91 -6.89 -25.96 6.14
N GLU D 92 -6.54 -27.24 6.29
CA GLU D 92 -5.19 -27.57 6.72
C GLU D 92 -4.14 -27.31 5.66
N ALA D 93 -4.55 -27.12 4.39
CA ALA D 93 -3.54 -26.92 3.35
C ALA D 93 -2.91 -25.54 3.43
N GLY D 94 -3.61 -24.56 4.02
CA GLY D 94 -3.06 -23.22 4.17
C GLY D 94 -2.15 -23.09 5.38
N SER D 95 -1.23 -22.14 5.33
CA SER D 95 -0.32 -21.90 6.44
C SER D 95 -0.88 -20.80 7.34
N HIS D 96 -0.69 -20.97 8.64
CA HIS D 96 -1.19 -20.00 9.59
C HIS D 96 -0.12 -19.72 10.63
N THR D 97 -0.32 -18.65 11.39
CA THR D 97 0.72 -18.16 12.30
C THR D 97 0.11 -17.71 13.62
N ILE D 98 0.68 -18.17 14.73
CA ILE D 98 0.41 -17.60 16.04
C ILE D 98 1.66 -16.85 16.49
N GLN D 99 1.48 -15.65 17.02
CA GLN D 99 2.59 -14.93 17.64
C GLN D 99 2.23 -14.53 19.05
N ARG D 100 3.25 -14.49 19.91
CA ARG D 100 3.10 -13.99 21.28
C ARG D 100 4.25 -13.03 21.58
N MET D 101 3.91 -11.87 22.12
CA MET D 101 4.88 -10.93 22.66
C MET D 101 4.50 -10.63 24.11
N TYR D 102 5.42 -10.86 25.05
CA TYR D 102 5.19 -10.51 26.45
C TYR D 102 6.46 -9.93 27.04
N GLY D 103 6.32 -9.27 28.19
CA GLY D 103 7.47 -8.69 28.84
C GLY D 103 7.10 -7.49 29.71
N CYS D 104 8.13 -6.75 30.10
CA CYS D 104 7.98 -5.80 31.20
C CYS D 104 8.83 -4.58 30.90
N ASP D 105 8.29 -3.39 31.19
CA ASP D 105 9.04 -2.14 31.18
C ASP D 105 9.32 -1.75 32.63
N VAL D 106 10.58 -1.36 32.92
CA VAL D 106 11.01 -1.02 34.26
C VAL D 106 11.54 0.41 34.23
N GLY D 107 11.25 1.17 35.29
CA GLY D 107 11.69 2.55 35.35
C GLY D 107 13.03 2.69 36.04
N PRO D 108 13.50 3.94 36.17
CA PRO D 108 14.83 4.17 36.79
C PRO D 108 14.89 3.82 38.26
N HIS D 109 13.74 3.79 38.95
CA HIS D 109 13.67 3.32 40.33
C HIS D 109 13.84 1.81 40.44
N GLY D 110 13.83 1.10 39.31
CA GLY D 110 13.92 -0.35 39.31
C GLY D 110 12.62 -1.10 39.51
N ARG D 111 11.47 -0.44 39.37
CA ARG D 111 10.17 -1.06 39.59
C ARG D 111 9.39 -1.08 38.27
N LEU D 112 8.40 -1.98 38.19
CA LEU D 112 7.65 -2.17 36.95
C LEU D 112 6.87 -0.92 36.56
N LEU D 113 7.10 -0.42 35.34
CA LEU D 113 6.18 0.54 34.77
C LEU D 113 4.94 -0.11 34.15
N ARG D 114 5.16 -1.09 33.28
CA ARG D 114 4.12 -1.75 32.50
C ARG D 114 4.50 -3.21 32.24
N GLY D 115 3.59 -4.16 32.51
CA GLY D 115 3.66 -5.49 31.92
C GLY D 115 2.72 -5.67 30.73
N TYR D 116 3.01 -6.65 29.88
CA TYR D 116 2.13 -6.91 28.74
C TYR D 116 2.27 -8.37 28.33
N ASP D 117 1.17 -8.95 27.86
CA ASP D 117 1.20 -10.21 27.12
C ASP D 117 0.14 -10.11 26.03
N GLN D 118 0.55 -10.24 24.75
CA GLN D 118 -0.37 -10.08 23.62
C GLN D 118 -0.14 -11.22 22.62
N LEU D 119 -1.21 -11.65 21.99
CA LEU D 119 -1.13 -12.68 20.97
C LEU D 119 -1.80 -12.21 19.68
N ALA D 120 -1.28 -12.73 18.57
CA ALA D 120 -1.80 -12.47 17.24
C ALA D 120 -1.98 -13.77 16.49
N TYR D 121 -3.00 -13.80 15.65
CA TYR D 121 -3.23 -14.89 14.71
C TYR D 121 -3.24 -14.34 13.31
N ASP D 122 -2.39 -14.91 12.47
CA ASP D 122 -2.22 -14.49 11.08
C ASP D 122 -1.99 -12.98 10.99
N GLY D 123 -1.18 -12.46 11.92
CA GLY D 123 -0.76 -11.08 11.90
C GLY D 123 -1.77 -10.08 12.41
N ALA D 124 -2.87 -10.52 13.01
CA ALA D 124 -3.84 -9.56 13.53
C ALA D 124 -4.04 -9.82 15.00
N ASP D 125 -4.32 -8.76 15.76
CA ASP D 125 -4.57 -8.90 17.19
C ASP D 125 -5.60 -9.99 17.42
N TYR D 126 -5.28 -10.91 18.31
CA TYR D 126 -6.19 -12.00 18.65
C TYR D 126 -6.67 -11.87 20.10
N ILE D 127 -5.77 -11.93 21.07
CA ILE D 127 -6.13 -11.70 22.47
C ILE D 127 -4.96 -11.01 23.15
N ALA D 128 -5.28 -10.16 24.13
CA ALA D 128 -4.27 -9.34 24.78
C ALA D 128 -4.61 -9.20 26.25
N LEU D 129 -3.59 -9.28 27.09
CA LEU D 129 -3.75 -9.01 28.50
C LEU D 129 -3.90 -7.50 28.70
N ASN D 130 -4.98 -7.08 29.36
CA ASN D 130 -5.20 -5.65 29.59
C ASN D 130 -4.17 -5.08 30.58
N GLU D 131 -4.02 -3.75 30.61
CA GLU D 131 -2.98 -3.12 31.43
C GLU D 131 -3.12 -3.46 32.92
N ASP D 132 -4.34 -3.79 33.38
CA ASP D 132 -4.57 -4.16 34.78
C ASP D 132 -4.02 -5.54 35.13
N LEU D 133 -3.66 -6.35 34.13
CA LEU D 133 -3.10 -7.70 34.25
C LEU D 133 -4.04 -8.65 34.97
N ARG D 134 -5.33 -8.31 35.02
CA ARG D 134 -6.38 -9.21 35.49
C ARG D 134 -7.31 -9.75 34.41
N SER D 135 -7.26 -9.26 33.19
CA SER D 135 -8.37 -9.53 32.27
C SER D 135 -7.84 -9.46 30.85
N TRP D 136 -8.71 -9.78 29.90
CA TRP D 136 -8.29 -10.03 28.52
C TRP D 136 -9.22 -9.32 27.55
N THR D 137 -8.64 -8.69 26.52
CA THR D 137 -9.40 -8.18 25.38
C THR D 137 -9.29 -9.18 24.24
N ALA D 138 -10.44 -9.63 23.71
CA ALA D 138 -10.50 -10.61 22.64
C ALA D 138 -11.18 -10.01 21.42
N ALA D 139 -10.54 -10.18 20.24
CA ALA D 139 -10.89 -9.43 19.03
C ALA D 139 -12.19 -9.88 18.38
N ASP D 140 -12.54 -11.17 18.45
CA ASP D 140 -13.67 -11.71 17.70
C ASP D 140 -14.19 -12.95 18.43
N LEU D 141 -15.11 -13.69 17.80
CA LEU D 141 -15.74 -14.83 18.46
C LEU D 141 -14.72 -15.92 18.79
N ALA D 142 -13.81 -16.24 17.86
CA ALA D 142 -12.82 -17.29 18.14
C ALA D 142 -11.98 -16.93 19.35
N ALA D 143 -11.49 -15.69 19.40
CA ALA D 143 -10.69 -15.23 20.53
C ALA D 143 -11.48 -15.19 21.84
N GLN D 144 -12.82 -15.10 21.77
CA GLN D 144 -13.62 -15.21 22.99
C GLN D 144 -13.65 -16.62 23.53
N ASN D 145 -13.63 -17.62 22.64
CA ASN D 145 -13.41 -19.00 23.05
C ASN D 145 -12.12 -19.12 23.88
N THR D 146 -11.02 -18.58 23.36
CA THR D 146 -9.75 -18.60 24.08
C THR D 146 -9.87 -17.84 25.40
N ARG D 147 -10.52 -16.67 25.39
CA ARG D 147 -10.63 -15.90 26.61
C ARG D 147 -11.32 -16.69 27.71
N ARG D 148 -12.38 -17.43 27.36
CA ARG D 148 -13.07 -18.24 28.36
C ARG D 148 -12.13 -19.29 28.95
N LYS D 149 -11.44 -20.05 28.10
CA LYS D 149 -10.52 -21.06 28.59
C LYS D 149 -9.45 -20.44 29.49
N TRP D 150 -8.94 -19.27 29.12
CA TRP D 150 -7.85 -18.65 29.87
C TRP D 150 -8.35 -18.08 31.20
N GLU D 151 -9.57 -17.55 31.22
CA GLU D 151 -10.21 -17.17 32.48
C GLU D 151 -10.31 -18.37 33.43
N GLU D 152 -11.05 -19.40 33.01
CA GLU D 152 -11.21 -20.64 33.78
C GLU D 152 -9.87 -21.22 34.25
N ALA D 153 -8.86 -21.25 33.37
CA ALA D 153 -7.54 -21.71 33.75
C ALA D 153 -6.79 -20.75 34.66
N GLY D 154 -7.33 -19.55 34.89
CA GLY D 154 -6.68 -18.59 35.77
C GLY D 154 -5.36 -18.05 35.27
N TYR D 155 -5.17 -17.97 33.94
CA TYR D 155 -3.84 -17.67 33.39
C TYR D 155 -3.45 -16.20 33.50
N ALA D 156 -4.41 -15.27 33.59
CA ALA D 156 -3.99 -13.88 33.80
C ALA D 156 -3.15 -13.73 35.08
N GLU D 157 -3.47 -14.49 36.14
CA GLU D 157 -2.73 -14.28 37.38
C GLU D 157 -1.34 -14.90 37.33
N ARG D 158 -1.19 -16.02 36.61
CA ARG D 158 0.14 -16.55 36.30
C ARG D 158 0.99 -15.51 35.57
N ASP D 159 0.41 -14.89 34.56
CA ASP D 159 1.10 -13.82 33.83
C ASP D 159 1.53 -12.70 34.76
N ARG D 160 0.57 -12.20 35.55
CA ARG D 160 0.87 -11.08 36.43
C ARG D 160 2.01 -11.42 37.38
N ALA D 161 1.98 -12.64 37.97
CA ALA D 161 3.04 -13.05 38.89
C ALA D 161 4.38 -13.02 38.20
N TYR D 162 4.43 -13.49 36.96
CA TYR D 162 5.67 -13.44 36.19
C TYR D 162 6.05 -11.99 35.81
N LEU D 163 5.12 -11.27 35.19
CA LEU D 163 5.43 -9.93 34.69
C LEU D 163 5.86 -9.00 35.81
N GLU D 164 5.18 -9.08 36.96
CA GLU D 164 5.49 -8.19 38.07
C GLU D 164 6.67 -8.68 38.92
N GLY D 165 6.79 -9.99 39.19
CA GLY D 165 8.04 -10.49 39.77
C GLY D 165 9.29 -10.84 38.98
N GLU D 166 9.19 -11.94 38.22
CA GLU D 166 10.39 -12.57 37.70
C GLU D 166 10.93 -11.83 36.48
N CYS D 167 10.01 -11.31 35.67
CA CYS D 167 10.41 -10.49 34.53
C CYS D 167 11.27 -9.31 34.97
N VAL D 168 10.80 -8.60 36.01
CA VAL D 168 11.54 -7.44 36.52
C VAL D 168 12.89 -7.88 37.07
N GLU D 169 12.89 -8.93 37.91
CA GLU D 169 14.16 -9.41 38.47
C GLU D 169 15.17 -9.71 37.36
N TRP D 170 14.72 -10.39 36.31
CA TRP D 170 15.62 -10.80 35.24
C TRP D 170 16.08 -9.61 34.40
N LEU D 171 15.19 -8.66 34.12
CA LEU D 171 15.63 -7.43 33.43
C LEU D 171 16.78 -6.76 34.17
N LEU D 172 16.65 -6.60 35.48
CA LEU D 172 17.70 -5.96 36.25
C LEU D 172 18.97 -6.80 36.22
N LYS D 173 18.84 -8.13 36.30
CA LYS D 173 20.02 -8.99 36.25
C LYS D 173 20.74 -8.85 34.91
N HIS D 174 19.98 -8.87 33.79
CA HIS D 174 20.63 -8.66 32.51
C HIS D 174 21.24 -7.27 32.41
N LEU D 175 20.57 -6.25 32.95
CA LEU D 175 21.13 -4.91 32.85
C LEU D 175 22.48 -4.84 33.57
N GLU D 176 22.56 -5.43 34.76
CA GLU D 176 23.83 -5.56 35.47
C GLU D 176 24.86 -6.35 34.65
N ASN D 177 24.58 -7.63 34.39
CA ASN D 177 25.56 -8.47 33.72
C ASN D 177 25.88 -8.01 32.31
N GLY D 178 24.91 -7.43 31.60
CA GLY D 178 25.18 -6.94 30.26
C GLY D 178 25.42 -5.46 30.14
N ARG D 179 25.82 -4.80 31.23
CA ARG D 179 26.00 -3.34 31.24
C ARG D 179 26.88 -2.86 30.09
N GLU D 180 27.94 -3.58 29.75
CA GLU D 180 28.87 -3.07 28.74
C GLU D 180 28.23 -3.03 27.35
N THR D 181 27.24 -3.87 27.12
CA THR D 181 26.44 -3.89 25.90
C THR D 181 25.25 -2.94 26.04
N LEU D 182 24.41 -3.17 27.06
CA LEU D 182 23.08 -2.56 27.13
C LEU D 182 23.10 -1.10 27.59
N LEU D 183 24.00 -0.73 28.51
CA LEU D 183 24.03 0.63 29.02
C LEU D 183 25.03 1.50 28.28
N ARG D 184 25.64 0.98 27.24
CA ARG D 184 26.31 1.86 26.32
C ARG D 184 25.24 2.72 25.68
N ALA D 185 25.52 3.98 25.53
CA ALA D 185 24.83 4.73 24.51
C ALA D 185 25.91 5.11 23.53
N ASP D 186 25.98 4.38 22.42
CA ASP D 186 26.96 4.67 21.39
C ASP D 186 26.37 5.70 20.46
N PRO D 187 26.94 6.91 20.36
CA PRO D 187 26.39 7.93 19.46
C PRO D 187 26.66 7.60 18.00
N PRO D 188 25.87 8.13 17.07
CA PRO D 188 26.12 7.85 15.66
C PRO D 188 27.40 8.52 15.18
N LYS D 189 28.12 7.81 14.33
CA LYS D 189 29.08 8.45 13.44
C LYS D 189 28.34 9.06 12.26
N THR D 190 28.60 10.32 11.97
CA THR D 190 27.79 11.07 11.03
C THR D 190 28.69 11.71 9.97
N HIS D 191 28.20 11.73 8.73
CA HIS D 191 28.85 12.44 7.63
C HIS D 191 27.80 12.63 6.56
N ILE D 192 28.05 13.57 5.63
CA ILE D 192 27.19 13.80 4.47
C ILE D 192 27.91 13.34 3.21
N THR D 193 27.17 12.73 2.29
CA THR D 193 27.69 12.37 0.97
C THR D 193 26.92 13.11 -0.11
N HIS D 194 27.56 13.22 -1.28
CA HIS D 194 27.15 14.13 -2.35
C HIS D 194 27.18 13.34 -3.65
N HIS D 195 26.01 13.25 -4.30
CA HIS D 195 25.79 12.35 -5.43
C HIS D 195 25.12 13.13 -6.55
N PRO D 196 25.91 13.69 -7.47
CA PRO D 196 25.33 14.46 -8.58
C PRO D 196 24.36 13.62 -9.38
N ILE D 197 23.29 14.25 -9.84
CA ILE D 197 22.44 13.56 -10.80
C ILE D 197 22.57 14.24 -12.16
N SER D 198 21.84 15.34 -12.32
CA SER D 198 21.87 16.34 -13.39
C SER D 198 22.92 17.41 -13.15
N ASP D 199 23.30 18.10 -14.24
CA ASP D 199 23.83 19.45 -14.13
C ASP D 199 22.94 20.33 -13.24
N ARG D 200 21.63 20.05 -13.24
CA ARG D 200 20.71 20.81 -12.47
C ARG D 200 20.63 20.47 -10.95
N GLU D 201 20.99 19.24 -10.59
CA GLU D 201 20.55 18.69 -9.30
C GLU D 201 21.56 17.70 -8.73
N VAL D 202 21.59 17.62 -7.39
CA VAL D 202 22.44 16.67 -6.68
C VAL D 202 21.64 16.08 -5.52
N THR D 203 22.10 14.93 -5.04
CA THR D 203 21.57 14.32 -3.83
C THR D 203 22.54 14.58 -2.69
N LEU D 204 22.05 15.17 -1.60
CA LEU D 204 22.76 15.18 -0.34
C LEU D 204 22.19 14.07 0.53
N ARG D 205 23.07 13.25 1.10
CA ARG D 205 22.65 12.14 1.97
C ARG D 205 23.38 12.28 3.29
N CYS D 206 22.61 12.43 4.37
CA CYS D 206 23.12 12.58 5.72
C CYS D 206 23.05 11.22 6.41
N TRP D 207 24.19 10.70 6.84
CA TRP D 207 24.33 9.32 7.31
C TRP D 207 24.54 9.26 8.82
N ALA D 208 23.86 8.33 9.49
CA ALA D 208 24.09 8.05 10.91
C ALA D 208 24.46 6.57 11.03
N LEU D 209 25.69 6.27 11.48
CA LEU D 209 26.16 4.88 11.50
C LEU D 209 26.62 4.44 12.88
N GLY D 210 26.46 3.14 13.14
CA GLY D 210 27.00 2.50 14.34
C GLY D 210 26.41 2.94 15.66
N PHE D 211 25.18 3.42 15.68
CA PHE D 211 24.60 3.97 16.90
C PHE D 211 23.76 2.94 17.65
N TYR D 212 23.77 3.06 18.98
CA TYR D 212 22.85 2.32 19.85
C TYR D 212 22.44 3.23 21.04
N PRO D 213 21.17 3.18 21.47
CA PRO D 213 20.02 2.40 21.00
C PRO D 213 19.48 2.81 19.63
N GLU D 214 18.43 2.11 19.19
CA GLU D 214 17.90 2.28 17.84
C GLU D 214 17.27 3.66 17.65
N GLU D 215 16.66 4.22 18.71
CA GLU D 215 15.95 5.49 18.52
C GLU D 215 16.89 6.61 18.09
N ILE D 216 16.51 7.35 17.05
CA ILE D 216 17.31 8.46 16.53
C ILE D 216 16.38 9.38 15.78
N THR D 217 16.79 10.65 15.64
CA THR D 217 16.05 11.59 14.81
C THR D 217 17.02 12.22 13.82
N LEU D 218 16.68 12.14 12.54
CA LEU D 218 17.42 12.80 11.46
C LEU D 218 16.51 13.75 10.70
N THR D 219 16.95 15.00 10.53
CA THR D 219 16.18 15.95 9.74
C THR D 219 17.13 16.80 8.91
N TRP D 220 16.62 17.25 7.78
CA TRP D 220 17.28 18.24 6.93
C TRP D 220 16.57 19.58 7.07
N GLN D 221 17.34 20.68 7.05
CA GLN D 221 16.79 22.03 7.05
C GLN D 221 17.39 22.83 5.90
N HIS D 222 16.52 23.64 5.24
CA HIS D 222 16.86 24.54 4.14
C HIS D 222 16.64 25.96 4.65
N ASP D 223 17.74 26.70 4.81
CA ASP D 223 17.77 28.04 5.41
C ASP D 223 17.47 28.00 6.89
N GLY D 224 17.20 26.83 7.47
CA GLY D 224 16.64 26.70 8.80
C GLY D 224 15.18 26.30 8.85
N GLU D 225 14.58 25.92 7.73
CA GLU D 225 13.19 25.48 7.67
C GLU D 225 13.14 24.00 7.33
N ASP D 226 12.22 23.27 7.98
CA ASP D 226 12.29 21.81 7.99
C ASP D 226 11.84 21.20 6.66
N GLN D 227 12.62 20.22 6.20
CA GLN D 227 12.45 19.52 4.93
C GLN D 227 11.73 18.17 5.03
N THR D 228 11.18 17.81 6.20
CA THR D 228 10.77 16.43 6.47
C THR D 228 9.98 15.80 5.32
N GLN D 229 8.99 16.52 4.78
CA GLN D 229 8.20 15.91 3.71
C GLN D 229 8.86 16.04 2.34
N GLU D 230 10.01 16.72 2.26
CA GLU D 230 10.83 16.72 1.06
C GLU D 230 11.72 15.48 0.96
N MET D 231 12.25 15.02 2.10
CA MET D 231 13.39 14.11 2.05
C MET D 231 12.96 12.65 1.85
N GLU D 232 13.98 11.79 1.75
CA GLU D 232 13.86 10.35 1.69
C GLU D 232 14.49 9.84 2.98
N LEU D 233 13.67 9.24 3.86
CA LEU D 233 14.12 8.75 5.17
C LEU D 233 13.99 7.24 5.13
N VAL D 234 15.11 6.51 5.18
CA VAL D 234 14.99 5.06 5.20
C VAL D 234 14.64 4.62 6.62
N GLU D 235 14.00 3.46 6.73
CA GLU D 235 13.80 2.88 8.04
C GLU D 235 15.14 2.51 8.65
N THR D 236 15.22 2.64 9.98
CA THR D 236 16.45 2.31 10.70
C THR D 236 16.74 0.82 10.56
N ARG D 237 17.99 0.48 10.30
CA ARG D 237 18.36 -0.89 9.95
C ARG D 237 19.54 -1.35 10.82
N PRO D 238 19.61 -2.64 11.16
CA PRO D 238 20.75 -3.13 11.94
C PRO D 238 22.01 -3.17 11.09
N ASP D 239 23.17 -3.04 11.74
CA ASP D 239 24.40 -3.12 10.97
C ASP D 239 25.04 -4.51 11.00
N GLY D 240 24.46 -5.44 11.74
CA GLY D 240 24.99 -6.80 11.85
C GLY D 240 25.97 -6.98 12.97
N ASN D 241 26.50 -5.89 13.51
CA ASN D 241 27.39 -5.84 14.67
C ASN D 241 26.64 -5.48 15.97
N GLY D 242 25.32 -5.40 15.96
CA GLY D 242 24.56 -5.06 17.15
C GLY D 242 24.26 -3.58 17.35
N ALA D 243 24.52 -2.75 16.35
CA ALA D 243 24.24 -1.33 16.30
C ALA D 243 23.28 -1.09 15.13
N PHE D 244 23.04 0.19 14.81
CA PHE D 244 22.04 0.55 13.82
C PHE D 244 22.59 1.62 12.87
N GLN D 245 21.87 1.78 11.75
CA GLN D 245 22.18 2.76 10.72
C GLN D 245 20.90 3.46 10.26
N LYS D 246 21.04 4.71 9.84
CA LYS D 246 19.93 5.39 9.18
C LYS D 246 20.51 6.45 8.27
N TRP D 247 19.80 6.79 7.21
CA TRP D 247 20.19 7.99 6.47
C TRP D 247 18.98 8.76 6.00
N ALA D 248 19.22 10.05 5.72
CA ALA D 248 18.18 10.92 5.18
C ALA D 248 18.77 11.69 4.01
N ALA D 249 18.08 11.66 2.87
CA ALA D 249 18.56 12.23 1.62
C ALA D 249 17.55 13.24 1.06
N LEU D 250 18.08 14.25 0.37
CA LEU D 250 17.32 15.36 -0.20
C LEU D 250 17.88 15.67 -1.57
N VAL D 251 17.01 16.02 -2.52
CA VAL D 251 17.48 16.51 -3.82
C VAL D 251 17.51 18.03 -3.75
N VAL D 252 18.65 18.62 -4.10
CA VAL D 252 18.81 20.08 -4.06
C VAL D 252 19.38 20.55 -5.39
N PRO D 253 19.22 21.83 -5.74
CA PRO D 253 19.80 22.32 -6.99
C PRO D 253 21.30 22.49 -6.88
N SER D 254 22.02 22.14 -7.96
CA SER D 254 23.45 22.39 -8.03
C SER D 254 23.76 23.84 -7.73
N GLY D 255 24.70 24.07 -6.83
CA GLY D 255 25.08 25.39 -6.39
C GLY D 255 24.47 25.82 -5.07
N GLU D 256 23.41 25.13 -4.63
CA GLU D 256 22.71 25.47 -3.40
C GLU D 256 23.13 24.62 -2.19
N GLU D 257 24.10 23.69 -2.34
CA GLU D 257 24.38 22.71 -1.29
C GLU D 257 24.65 23.34 0.07
N GLN D 258 25.24 24.55 0.11
CA GLN D 258 25.58 25.18 1.37
C GLN D 258 24.37 25.77 2.12
N ARG D 259 23.19 25.75 1.52
CA ARG D 259 22.00 26.30 2.13
C ARG D 259 21.25 25.27 3.00
N TYR D 260 21.81 24.06 3.16
CA TYR D 260 21.15 22.95 3.85
C TYR D 260 21.99 22.44 5.02
N THR D 261 21.31 21.96 6.07
CA THR D 261 21.96 21.43 7.26
C THR D 261 21.25 20.15 7.68
N CYS D 262 22.03 19.21 8.19
CA CYS D 262 21.51 17.96 8.72
C CYS D 262 21.60 18.00 10.24
N HIS D 263 20.54 17.58 10.91
CA HIS D 263 20.48 17.65 12.36
C HIS D 263 20.23 16.25 12.91
N VAL D 264 21.04 15.86 13.89
CA VAL D 264 21.07 14.50 14.40
C VAL D 264 20.87 14.56 15.90
N GLN D 265 19.82 13.89 16.39
CA GLN D 265 19.53 13.79 17.81
C GLN D 265 19.64 12.33 18.21
N HIS D 266 20.45 12.05 19.23
CA HIS D 266 20.59 10.70 19.75
C HIS D 266 21.02 10.79 21.21
N GLU D 267 20.55 9.84 22.04
CA GLU D 267 20.85 9.96 23.47
C GLU D 267 22.35 9.80 23.76
N GLY D 268 23.15 9.28 22.82
CA GLY D 268 24.56 9.08 23.05
C GLY D 268 25.43 10.31 22.84
N LEU D 269 24.86 11.38 22.20
CA LEU D 269 25.50 12.66 21.90
C LEU D 269 25.35 13.60 23.09
N PRO D 270 26.41 14.33 23.47
CA PRO D 270 26.24 15.31 24.57
C PRO D 270 25.25 16.42 24.23
N GLN D 271 25.20 16.83 22.96
CA GLN D 271 24.19 17.75 22.46
C GLN D 271 23.87 17.35 21.02
N PRO D 272 22.72 17.79 20.47
CA PRO D 272 22.42 17.47 19.07
C PRO D 272 23.52 17.96 18.13
N LEU D 273 23.65 17.28 16.99
CA LEU D 273 24.64 17.59 15.97
C LEU D 273 24.01 18.38 14.84
N THR D 274 24.80 19.27 14.25
CA THR D 274 24.43 19.98 13.03
C THR D 274 25.53 19.80 12.01
N LEU D 275 25.20 19.25 10.83
CA LEU D 275 26.20 18.98 9.79
C LEU D 275 25.90 19.82 8.55
N ARG D 276 26.96 20.28 7.89
CA ARG D 276 26.81 21.01 6.61
C ARG D 276 27.84 20.48 5.61
N TRP D 277 27.44 20.45 4.33
CA TRP D 277 28.30 19.94 3.27
C TRP D 277 29.53 20.84 3.11
N GLU E 1 -4.56 -10.68 6.20
CA GLU E 1 -4.00 -10.26 4.91
C GLU E 1 -2.48 -10.42 4.85
N PRO E 2 -1.94 -10.82 3.69
CA PRO E 2 -0.47 -10.91 3.57
C PRO E 2 0.14 -9.52 3.43
N ARG E 3 1.38 -9.39 3.92
CA ARG E 3 2.09 -8.11 3.94
C ARG E 3 3.41 -8.22 3.17
N THR E 4 3.65 -7.25 2.28
CA THR E 4 4.80 -7.27 1.35
C THR E 4 6.10 -6.91 2.07
N PRO E 5 7.21 -7.57 1.76
CA PRO E 5 8.48 -7.18 2.39
C PRO E 5 9.02 -5.87 1.82
N LYS E 6 9.58 -5.08 2.70
CA LYS E 6 10.46 -3.97 2.34
C LYS E 6 11.88 -4.46 2.48
N ILE E 7 12.77 -3.97 1.62
CA ILE E 7 14.10 -4.55 1.48
C ILE E 7 15.12 -3.41 1.41
N GLN E 8 16.20 -3.54 2.18
CA GLN E 8 17.38 -2.68 2.04
C GLN E 8 18.63 -3.52 1.89
N VAL E 9 19.51 -3.11 0.98
CA VAL E 9 20.75 -3.82 0.69
C VAL E 9 21.89 -2.84 0.87
N TYR E 10 22.89 -3.21 1.67
CA TYR E 10 23.86 -2.23 2.14
C TYR E 10 25.00 -2.94 2.86
N SER E 11 26.13 -2.25 2.93
CA SER E 11 27.32 -2.75 3.61
C SER E 11 27.42 -2.16 5.02
N ARG E 12 28.04 -2.94 5.90
CA ARG E 12 28.17 -2.52 7.29
C ARG E 12 28.98 -1.24 7.40
N HIS E 13 30.07 -1.14 6.66
CA HIS E 13 30.92 0.03 6.65
C HIS E 13 30.89 0.67 5.28
N PRO E 14 31.15 1.99 5.18
CA PRO E 14 31.23 2.62 3.87
C PRO E 14 32.12 1.80 2.94
N ALA E 15 31.60 1.54 1.73
CA ALA E 15 32.19 0.57 0.84
C ALA E 15 33.45 1.12 0.21
N GLU E 16 34.52 0.32 0.21
CA GLU E 16 35.78 0.67 -0.43
C GLU E 16 36.40 -0.58 -1.06
N ASN E 17 36.77 -0.48 -2.33
CA ASN E 17 37.23 -1.67 -3.06
C ASN E 17 38.51 -2.25 -2.47
N GLY E 18 38.53 -3.57 -2.29
CA GLY E 18 39.69 -4.28 -1.76
C GLY E 18 39.74 -4.43 -0.27
N LYS E 19 38.96 -3.69 0.46
CA LYS E 19 38.99 -3.89 1.91
C LYS E 19 37.80 -4.73 2.34
N PRO E 20 38.02 -5.79 3.11
CA PRO E 20 36.91 -6.66 3.49
C PRO E 20 35.83 -5.92 4.25
N ASN E 21 34.58 -6.34 4.05
CA ASN E 21 33.40 -5.63 4.55
C ASN E 21 32.33 -6.68 4.83
N TYR E 22 31.12 -6.24 5.16
CA TYR E 22 29.99 -7.14 5.37
C TYR E 22 28.83 -6.64 4.52
N LEU E 23 28.19 -7.56 3.80
CA LEU E 23 27.05 -7.22 2.95
C LEU E 23 25.78 -7.68 3.65
N ASN E 24 24.84 -6.76 3.81
CA ASN E 24 23.58 -6.98 4.51
C ASN E 24 22.41 -6.91 3.55
N CYS E 25 21.43 -7.78 3.73
CA CYS E 25 20.10 -7.60 3.17
C CYS E 25 19.11 -7.61 4.33
N TYR E 26 18.51 -6.47 4.60
CA TYR E 26 17.53 -6.32 5.69
C TYR E 26 16.13 -6.35 5.07
N VAL E 27 15.30 -7.31 5.49
CA VAL E 27 13.99 -7.41 4.89
C VAL E 27 12.95 -7.49 6.00
N TYR E 28 11.91 -6.67 5.88
CA TYR E 28 11.11 -6.33 7.05
C TYR E 28 9.70 -5.94 6.64
N GLY E 29 8.82 -5.87 7.63
CA GLY E 29 7.46 -5.47 7.36
C GLY E 29 6.61 -6.53 6.71
N PHE E 30 7.00 -7.81 6.77
CA PHE E 30 6.34 -8.83 5.99
C PHE E 30 5.55 -9.79 6.87
N HIS E 31 4.65 -10.54 6.25
CA HIS E 31 3.82 -11.51 6.96
C HIS E 31 3.08 -12.31 5.89
N PRO E 32 3.02 -13.67 5.99
CA PRO E 32 3.49 -14.60 7.04
C PRO E 32 5.01 -14.82 7.05
N PRO E 33 5.52 -15.57 8.03
CA PRO E 33 6.98 -15.57 8.26
C PRO E 33 7.81 -16.36 7.27
N GLN E 34 7.24 -17.32 6.55
CA GLN E 34 8.04 -18.14 5.65
C GLN E 34 8.53 -17.26 4.50
N ILE E 35 9.84 -17.19 4.30
CA ILE E 35 10.38 -16.25 3.31
C ILE E 35 11.74 -16.76 2.83
N GLU E 36 12.08 -16.44 1.58
CA GLU E 36 13.32 -16.83 0.94
C GLU E 36 14.11 -15.56 0.66
N ILE E 37 15.30 -15.45 1.25
CA ILE E 37 16.13 -14.26 1.13
C ILE E 37 17.54 -14.71 0.82
N ASP E 38 18.09 -14.28 -0.32
CA ASP E 38 19.44 -14.67 -0.67
C ASP E 38 20.23 -13.48 -1.13
N LEU E 39 21.51 -13.47 -0.83
CA LEU E 39 22.40 -12.49 -1.46
C LEU E 39 23.02 -13.14 -2.68
N LEU E 40 23.14 -12.37 -3.76
CA LEU E 40 23.68 -12.85 -5.02
C LEU E 40 24.91 -12.03 -5.39
N LYS E 41 25.95 -12.72 -5.85
CA LYS E 41 27.15 -12.11 -6.43
C LYS E 41 27.16 -12.46 -7.91
N ASN E 42 27.06 -11.45 -8.77
CA ASN E 42 26.91 -11.63 -10.21
C ASN E 42 25.85 -12.67 -10.56
N GLY E 43 24.71 -12.60 -9.86
CA GLY E 43 23.56 -13.46 -10.15
C GLY E 43 23.61 -14.87 -9.61
N GLN E 44 24.68 -15.24 -8.88
CA GLN E 44 24.83 -16.55 -8.25
C GLN E 44 24.60 -16.41 -6.74
N LYS E 45 23.76 -17.29 -6.17
CA LYS E 45 23.53 -17.25 -4.72
C LYS E 45 24.83 -17.37 -3.94
N MET E 46 25.01 -16.50 -2.96
CA MET E 46 26.12 -16.53 -2.02
C MET E 46 25.76 -17.31 -0.77
N LYS E 47 26.76 -17.95 -0.15
CA LYS E 47 26.60 -18.46 1.20
C LYS E 47 26.37 -17.32 2.19
N THR E 48 25.29 -17.41 2.96
CA THR E 48 24.92 -16.34 3.90
C THR E 48 24.43 -16.94 5.21
N GLU E 49 24.38 -16.08 6.23
CA GLU E 49 23.72 -16.43 7.46
C GLU E 49 22.50 -15.53 7.64
N GLN E 50 21.51 -16.03 8.37
CA GLN E 50 20.24 -15.35 8.60
C GLN E 50 20.03 -15.18 10.10
N SER E 51 19.59 -13.99 10.54
CA SER E 51 19.25 -13.68 11.92
C SER E 51 18.04 -14.48 12.41
N ASP E 52 17.87 -14.57 13.73
CA ASP E 52 16.72 -15.28 14.29
C ASP E 52 15.42 -14.51 14.03
N LEU E 53 14.35 -15.24 13.68
CA LEU E 53 13.10 -14.57 13.35
C LEU E 53 12.57 -13.73 14.51
N SER E 54 12.28 -12.45 14.23
CA SER E 54 11.66 -11.59 15.23
C SER E 54 10.63 -10.72 14.53
N PHE E 55 9.91 -9.90 15.31
CA PHE E 55 8.84 -9.10 14.72
C PHE E 55 8.62 -7.81 15.50
N SER E 56 7.96 -6.87 14.83
CA SER E 56 7.71 -5.51 15.29
C SER E 56 6.42 -5.41 16.08
N LYS E 57 6.13 -4.21 16.59
CA LYS E 57 4.91 -4.00 17.36
C LYS E 57 3.66 -4.30 16.55
N ASP E 58 3.72 -4.15 15.24
CA ASP E 58 2.54 -4.40 14.44
C ASP E 58 2.45 -5.86 13.95
N TRP E 59 3.30 -6.76 14.46
CA TRP E 59 3.32 -8.21 14.20
C TRP E 59 4.09 -8.54 12.92
N SER E 60 4.58 -7.56 12.18
CA SER E 60 5.33 -7.86 10.96
C SER E 60 6.78 -8.23 11.28
N PHE E 61 7.29 -9.22 10.56
CA PHE E 61 8.60 -9.83 10.80
C PHE E 61 9.74 -9.02 10.17
N TYR E 62 10.96 -9.22 10.70
CA TYR E 62 12.18 -8.70 10.13
C TYR E 62 13.32 -9.70 10.28
N LEU E 63 14.14 -9.79 9.26
CA LEU E 63 15.29 -10.68 9.18
C LEU E 63 16.46 -9.92 8.59
N LEU E 64 17.66 -10.21 9.08
CA LEU E 64 18.90 -9.76 8.45
C LEU E 64 19.61 -10.98 7.87
N VAL E 65 19.89 -10.93 6.58
CA VAL E 65 20.71 -11.91 5.89
C VAL E 65 22.03 -11.24 5.56
N HIS E 66 23.15 -11.89 5.90
CA HIS E 66 24.43 -11.20 5.74
C HIS E 66 25.54 -12.17 5.33
N THR E 67 26.61 -11.63 4.76
CA THR E 67 27.84 -12.37 4.53
C THR E 67 29.04 -11.45 4.51
N ASP E 68 30.22 -11.99 4.81
CA ASP E 68 31.47 -11.29 4.49
C ASP E 68 31.57 -11.07 2.99
N PHE E 69 32.16 -9.95 2.59
CA PHE E 69 32.50 -9.75 1.20
C PHE E 69 33.58 -8.69 1.09
N THR E 70 34.24 -8.68 -0.06
CA THR E 70 35.20 -7.63 -0.38
C THR E 70 34.75 -6.92 -1.64
N PRO E 71 34.29 -5.66 -1.53
CA PRO E 71 33.79 -4.96 -2.72
C PRO E 71 34.83 -4.89 -3.82
N SER E 72 34.37 -5.06 -5.05
CA SER E 72 35.20 -4.89 -6.24
C SER E 72 34.60 -3.80 -7.10
N THR E 73 35.43 -3.29 -7.99
CA THR E 73 34.91 -2.40 -9.01
C THR E 73 34.06 -3.17 -10.02
N VAL E 74 34.37 -4.45 -10.24
CA VAL E 74 33.69 -5.23 -11.27
C VAL E 74 32.47 -6.03 -10.78
N ASP E 75 32.32 -6.27 -9.48
CA ASP E 75 31.33 -7.23 -9.00
C ASP E 75 30.00 -6.55 -8.68
N GLU E 76 28.92 -7.14 -9.19
CA GLU E 76 27.56 -6.70 -8.89
C GLU E 76 26.95 -7.59 -7.81
N TYR E 77 26.29 -6.97 -6.85
CA TYR E 77 25.65 -7.68 -5.75
C TYR E 77 24.19 -7.25 -5.72
N SER E 78 23.35 -8.16 -5.25
CA SER E 78 21.90 -7.93 -5.16
C SER E 78 21.33 -8.87 -4.11
N CYS E 79 20.11 -8.58 -3.72
CA CYS E 79 19.36 -9.41 -2.79
C CYS E 79 18.10 -9.89 -3.49
N ARG E 80 17.83 -11.19 -3.39
CA ARG E 80 16.66 -11.80 -4.00
C ARG E 80 15.73 -12.26 -2.89
N VAL E 81 14.46 -11.82 -2.95
CA VAL E 81 13.48 -12.11 -1.90
C VAL E 81 12.25 -12.70 -2.57
N ASN E 82 11.82 -13.86 -2.08
CA ASN E 82 10.54 -14.39 -2.53
C ASN E 82 9.67 -14.66 -1.31
N HIS E 83 8.37 -14.40 -1.47
CA HIS E 83 7.45 -14.44 -0.34
C HIS E 83 6.04 -14.66 -0.87
N SER E 84 5.16 -15.21 -0.01
CA SER E 84 3.81 -15.50 -0.51
C SER E 84 3.03 -14.26 -0.92
N SER E 85 3.39 -13.08 -0.38
CA SER E 85 2.73 -11.85 -0.81
C SER E 85 3.14 -11.40 -2.21
N LEU E 86 4.16 -12.00 -2.81
CA LEU E 86 4.73 -11.56 -4.07
C LEU E 86 4.35 -12.52 -5.20
N ALA E 87 4.07 -11.98 -6.38
CA ALA E 87 3.84 -12.86 -7.53
C ALA E 87 5.14 -13.28 -8.21
N ALA E 88 6.22 -12.54 -8.04
CA ALA E 88 7.53 -12.84 -8.58
C ALA E 88 8.56 -12.44 -7.54
N PRO E 89 9.77 -13.00 -7.59
CA PRO E 89 10.84 -12.53 -6.71
C PRO E 89 11.10 -11.04 -6.87
N HIS E 90 11.48 -10.41 -5.77
CA HIS E 90 11.85 -9.01 -5.75
C HIS E 90 13.37 -8.98 -5.69
N MET E 91 14.00 -8.44 -6.74
CA MET E 91 15.46 -8.29 -6.80
C MET E 91 15.79 -6.85 -6.50
N VAL E 92 16.66 -6.61 -5.52
CA VAL E 92 17.12 -5.27 -5.20
C VAL E 92 18.62 -5.27 -5.35
N LYS E 93 19.15 -4.32 -6.13
CA LYS E 93 20.60 -4.25 -6.34
C LYS E 93 21.28 -3.52 -5.19
N TRP E 94 22.50 -3.94 -4.88
CA TRP E 94 23.32 -3.18 -3.94
C TRP E 94 23.87 -1.94 -4.62
N ASP E 95 23.72 -0.80 -3.95
CA ASP E 95 24.31 0.46 -4.36
C ASP E 95 25.13 0.93 -3.18
N ARG E 96 26.43 1.12 -3.40
CA ARG E 96 27.30 1.47 -2.28
C ARG E 96 27.01 2.84 -1.70
N ASN E 97 26.20 3.66 -2.38
CA ASN E 97 25.73 4.93 -1.86
C ASN E 97 24.34 4.83 -1.27
N ASN E 98 23.76 3.64 -1.26
CA ASN E 98 22.37 3.41 -0.89
C ASN E 98 21.39 4.23 -1.74
N ASP F 1 14.34 -15.51 32.69
CA ASP F 1 13.79 -16.66 31.95
C ASP F 1 12.58 -16.38 31.05
N TYR F 2 12.44 -17.19 29.99
CA TYR F 2 11.16 -17.40 29.39
C TYR F 2 10.15 -17.75 30.47
N ILE F 3 8.91 -17.29 30.30
CA ILE F 3 7.87 -17.64 31.26
C ILE F 3 7.71 -19.16 31.31
N ASN F 4 7.46 -19.70 32.50
CA ASN F 4 7.52 -21.16 32.68
C ASN F 4 6.16 -21.85 32.59
N THR F 5 5.08 -21.11 32.31
CA THR F 5 3.75 -21.69 32.12
C THR F 5 3.16 -21.06 30.88
N ASN F 6 2.62 -21.90 29.99
CA ASN F 6 1.99 -21.45 28.75
C ASN F 6 0.63 -22.14 28.69
N VAL F 7 -0.34 -21.50 28.03
CA VAL F 7 -1.68 -22.07 27.90
C VAL F 7 -2.08 -22.19 26.43
N LEU F 8 -2.69 -23.31 26.10
CA LEU F 8 -3.25 -23.52 24.78
C LEU F 8 -4.28 -22.43 24.48
N PRO F 9 -4.29 -21.85 23.27
CA PRO F 9 -5.35 -21.00 22.73
C PRO F 9 -6.65 -21.79 22.54
#